data_5SOG
#
_entry.id   5SOG
#
_cell.length_a   137.490
_cell.length_b   65.500
_cell.length_c   84.370
_cell.angle_alpha   90.000
_cell.angle_beta   93.620
_cell.angle_gamma   90.000
#
_symmetry.space_group_name_H-M   'C 1 2 1'
#
loop_
_entity.id
_entity.type
_entity.pdbx_description
1 polymer '3-oxoacyl-[acyl-carrier-protein] synthase 2'
2 non-polymer ~{N}-[(4-fluorophenyl)methyl]-4-methoxy-aniline
3 non-polymer 'DIMETHYL SULFOXIDE'
4 non-polymer 'PHOSPHATE ION'
5 water water
#
_entity_poly.entity_id   1
_entity_poly.type   'polypeptide(L)'
_entity_poly.pdbx_seq_one_letter_code
;MSRRRVVITGMGMLSPLGLDVPSSWEGILAGRSGIAPIEHMDLSAYSTRFGGSVKGFNVEEYLSAKEARKLDLFIQYGLA
ASFQAVRDSGLEVTDANRERIGVSMGSGIGGLTNIENNCRSLFEQGPRRISPFFVPGSIINMVSGFLSIHLGLQGPNYAL
TTAQTTGTHSIGMAARNIAYGEADVMVAGGSEMAACGLGLGGFGAARALSTRNDEPTRASRPWDRDRDGFVLSDGSGALV
LEELEHARARGARIYAELVGFGMSGDAFHMTAPPEDGAGAARCMKNALRDAGLDPRQVDYINAHGTSTPAGDIAEIAAVK
SVFGEHAHALSMSSTKSMTGHLLGAAGAVEAIFSVLALRDQVAPPTINLDNPDEGCDLDLVAHEAKPRKIDVALSNSFGF
GGTNGTLVFRRFAD
;
_entity_poly.pdbx_strand_id   A,B
#
# COMPACT_ATOMS: atom_id res chain seq x y z
N SER A 2 24.09 5.26 -9.89
CA SER A 2 23.91 4.07 -10.79
C SER A 2 23.44 2.84 -9.99
N ARG A 3 22.66 1.96 -10.62
CA ARG A 3 21.89 0.89 -9.92
C ARG A 3 22.85 -0.01 -9.11
N ARG A 4 22.61 -0.13 -7.81
CA ARG A 4 23.40 -1.02 -6.92
C ARG A 4 22.77 -2.40 -6.82
N ARG A 5 23.58 -3.38 -6.44
CA ARG A 5 23.13 -4.79 -6.25
C ARG A 5 22.52 -4.96 -4.85
N VAL A 6 21.55 -5.87 -4.75
CA VAL A 6 20.75 -6.10 -3.54
C VAL A 6 20.81 -7.57 -3.13
N VAL A 7 21.17 -7.80 -1.86
CA VAL A 7 21.27 -9.19 -1.33
C VAL A 7 20.32 -9.36 -0.14
N ILE A 8 20.10 -10.61 0.23
CA ILE A 8 19.23 -10.98 1.37
C ILE A 8 20.15 -11.43 2.51
N THR A 9 20.07 -10.74 3.64
CA THR A 9 20.96 -11.01 4.80
C THR A 9 20.16 -11.51 6.00
N GLY A 10 18.83 -11.47 5.96
CA GLY A 10 18.03 -11.88 7.12
C GLY A 10 16.64 -12.25 6.68
N MET A 11 16.05 -13.27 7.31
CA MET A 11 14.67 -13.66 6.99
C MET A 11 13.93 -14.02 8.28
N GLY A 12 12.61 -13.86 8.25
CA GLY A 12 11.76 -14.14 9.41
C GLY A 12 10.38 -14.52 8.95
N MET A 13 9.65 -15.28 9.76
CA MET A 13 8.39 -15.89 9.30
C MET A 13 7.55 -16.39 10.47
N LEU A 14 6.23 -16.21 10.32
CA LEU A 14 5.21 -17.04 10.98
C LEU A 14 4.39 -17.67 9.87
N SER A 15 4.19 -18.96 9.93
CA SER A 15 3.36 -19.62 8.91
C SER A 15 2.50 -20.69 9.58
N PRO A 16 1.55 -21.30 8.84
CA PRO A 16 0.84 -22.47 9.34
C PRO A 16 1.75 -23.68 9.62
N LEU A 17 3.01 -23.64 9.22
CA LEU A 17 3.95 -24.79 9.39
C LEU A 17 4.93 -24.53 10.53
N GLY A 18 5.02 -23.28 11.03
CA GLY A 18 5.96 -23.00 12.11
C GLY A 18 6.04 -21.55 12.56
N LEU A 19 6.69 -21.33 13.70
CA LEU A 19 6.76 -20.00 14.37
C LEU A 19 8.05 -19.29 13.97
N ASP A 20 8.77 -19.82 12.98
CA ASP A 20 10.00 -19.22 12.44
C ASP A 20 10.35 -19.86 11.10
N VAL A 21 11.46 -19.43 10.52
CA VAL A 21 11.83 -19.89 9.17
C VAL A 21 12.23 -21.36 9.22
N PRO A 22 13.22 -21.78 10.03
CA PRO A 22 13.68 -23.17 9.98
C PRO A 22 12.57 -24.20 10.21
N SER A 23 11.70 -23.95 11.18
CA SER A 23 10.59 -24.87 11.51
C SER A 23 9.61 -24.91 10.33
N SER A 24 9.30 -23.77 9.71
CA SER A 24 8.42 -23.72 8.53
C SER A 24 9.06 -24.53 7.38
N TRP A 25 10.36 -24.30 7.12
CA TRP A 25 11.10 -24.94 6.00
C TRP A 25 11.19 -26.48 6.17
N GLU A 26 11.39 -26.95 7.40
N GLU A 26 11.41 -26.95 7.40
CA GLU A 26 11.39 -28.40 7.73
CA GLU A 26 11.38 -28.39 7.75
C GLU A 26 10.03 -29.00 7.31
C GLU A 26 10.04 -28.98 7.29
N GLY A 27 8.92 -28.30 7.62
CA GLY A 27 7.59 -28.75 7.22
C GLY A 27 7.47 -28.78 5.70
N ILE A 28 7.97 -27.73 5.05
CA ILE A 28 7.91 -27.63 3.56
C ILE A 28 8.63 -28.84 2.95
N LEU A 29 9.83 -29.12 3.41
CA LEU A 29 10.62 -30.20 2.77
C LEU A 29 10.05 -31.57 3.12
N ALA A 30 9.28 -31.70 4.20
CA ALA A 30 8.72 -33.00 4.62
C ALA A 30 7.31 -33.16 4.06
N GLY A 31 6.78 -32.18 3.32
CA GLY A 31 5.47 -32.33 2.65
C GLY A 31 4.34 -32.22 3.66
N ARG A 32 4.55 -31.56 4.78
CA ARG A 32 3.53 -31.45 5.85
C ARG A 32 2.51 -30.37 5.47
N SER A 33 1.21 -30.62 5.73
CA SER A 33 0.11 -29.64 5.65
C SER A 33 -0.02 -28.84 6.96
N GLY A 34 -0.21 -27.53 6.84
CA GLY A 34 -0.49 -26.66 7.98
C GLY A 34 -1.99 -26.39 8.08
N ILE A 35 -2.82 -27.08 7.30
CA ILE A 35 -4.27 -26.73 7.16
C ILE A 35 -5.09 -27.60 8.13
N ALA A 36 -6.03 -26.98 8.82
CA ALA A 36 -6.82 -27.67 9.87
C ALA A 36 -8.12 -26.91 10.11
N PRO A 37 -9.15 -27.57 10.65
CA PRO A 37 -10.37 -26.87 11.00
C PRO A 37 -9.93 -25.74 11.94
N ILE A 38 -10.54 -24.58 11.73
CA ILE A 38 -10.30 -23.36 12.53
C ILE A 38 -10.95 -23.55 13.90
N GLU A 39 -10.22 -23.20 14.96
CA GLU A 39 -10.64 -23.38 16.37
C GLU A 39 -11.08 -22.05 17.01
N HIS A 40 -10.71 -20.90 16.46
CA HIS A 40 -10.86 -19.59 17.17
C HIS A 40 -12.30 -19.06 17.06
N MET A 41 -13.13 -19.64 16.19
CA MET A 41 -14.54 -19.18 16.04
C MET A 41 -15.45 -20.36 15.64
N ASP A 42 -16.75 -20.20 15.90
CA ASP A 42 -17.85 -21.06 15.41
C ASP A 42 -18.14 -20.77 13.93
N LEU A 43 -17.75 -21.68 13.04
CA LEU A 43 -17.95 -21.50 11.56
C LEU A 43 -19.07 -22.42 11.04
N SER A 44 -20.03 -22.83 11.87
CA SER A 44 -21.03 -23.86 11.42
C SER A 44 -21.92 -23.28 10.31
N ALA A 45 -22.15 -21.96 10.26
CA ALA A 45 -22.98 -21.30 9.24
C ALA A 45 -22.18 -21.02 7.94
N TYR A 46 -20.87 -21.23 7.95
CA TYR A 46 -19.97 -20.92 6.81
C TYR A 46 -19.78 -22.14 5.91
N SER A 47 -19.62 -21.93 4.59
CA SER A 47 -19.30 -23.03 3.64
C SER A 47 -17.85 -23.52 3.77
N THR A 48 -16.95 -22.75 4.40
CA THR A 48 -15.53 -23.15 4.60
C THR A 48 -15.20 -22.96 6.08
N ARG A 49 -14.73 -24.01 6.73
CA ARG A 49 -14.54 -24.02 8.21
C ARG A 49 -13.11 -24.35 8.60
N PHE A 50 -12.17 -24.31 7.66
CA PHE A 50 -10.75 -24.65 7.88
C PHE A 50 -9.86 -23.60 7.21
N GLY A 51 -8.58 -23.67 7.52
CA GLY A 51 -7.56 -22.78 6.94
C GLY A 51 -6.22 -23.02 7.59
N GLY A 52 -5.22 -22.22 7.20
CA GLY A 52 -3.87 -22.33 7.78
C GLY A 52 -3.68 -21.28 8.88
N SER A 53 -3.87 -21.72 10.12
CA SER A 53 -3.73 -20.87 11.31
C SER A 53 -2.28 -20.90 11.71
N VAL A 54 -1.81 -19.85 12.34
CA VAL A 54 -0.52 -19.89 13.06
C VAL A 54 -0.84 -20.55 14.40
N LYS A 55 -0.13 -21.61 14.74
CA LYS A 55 -0.40 -22.43 15.95
C LYS A 55 0.58 -22.02 17.04
N GLY A 56 0.07 -21.62 18.19
CA GLY A 56 0.90 -21.42 19.39
C GLY A 56 1.73 -20.14 19.32
N PHE A 57 1.32 -19.12 18.56
CA PHE A 57 2.01 -17.82 18.50
C PHE A 57 2.02 -17.18 19.88
N ASN A 58 3.21 -16.85 20.36
CA ASN A 58 3.36 -16.15 21.65
C ASN A 58 3.90 -14.76 21.39
N VAL A 59 3.02 -13.77 21.37
CA VAL A 59 3.40 -12.36 21.12
C VAL A 59 4.38 -11.89 22.21
N GLU A 60 4.35 -12.45 23.40
CA GLU A 60 5.25 -12.03 24.53
C GLU A 60 6.68 -12.56 24.35
N GLU A 61 6.97 -13.26 23.24
CA GLU A 61 8.36 -13.44 22.73
C GLU A 61 8.88 -12.15 22.08
N TYR A 62 8.03 -11.19 21.79
CA TYR A 62 8.36 -10.02 20.94
C TYR A 62 7.98 -8.72 21.62
N LEU A 63 6.79 -8.64 22.20
CA LEU A 63 6.16 -7.37 22.64
C LEU A 63 5.60 -7.56 24.04
N SER A 64 5.53 -6.49 24.81
CA SER A 64 4.80 -6.47 26.09
C SER A 64 3.31 -6.75 25.88
N ALA A 65 2.65 -7.42 26.82
CA ALA A 65 1.20 -7.69 26.72
C ALA A 65 0.48 -6.34 26.57
N LYS A 66 0.99 -5.30 27.22
CA LYS A 66 0.39 -3.94 27.21
C LYS A 66 0.26 -3.44 25.76
N GLU A 67 1.36 -3.53 24.99
N GLU A 67 1.35 -3.53 24.99
CA GLU A 67 1.41 -3.08 23.57
CA GLU A 67 1.35 -3.09 23.58
C GLU A 67 0.64 -4.06 22.68
C GLU A 67 0.57 -4.07 22.71
N ALA A 68 0.78 -5.37 22.92
CA ALA A 68 0.15 -6.42 22.06
C ALA A 68 -1.37 -6.22 22.00
N ARG A 69 -2.00 -5.85 23.14
N ARG A 69 -1.99 -5.82 23.13
CA ARG A 69 -3.48 -5.66 23.24
CA ARG A 69 -3.46 -5.67 23.25
C ARG A 69 -3.95 -4.55 22.28
C ARG A 69 -3.96 -4.51 22.35
N LYS A 70 -3.08 -3.61 21.91
CA LYS A 70 -3.46 -2.47 21.03
C LYS A 70 -3.48 -2.89 19.57
N LEU A 71 -2.89 -4.04 19.19
CA LEU A 71 -2.51 -4.32 17.78
C LEU A 71 -3.29 -5.50 17.25
N ASP A 72 -3.86 -5.34 16.05
CA ASP A 72 -4.39 -6.49 15.28
C ASP A 72 -3.36 -7.61 15.17
N LEU A 73 -3.84 -8.85 15.11
CA LEU A 73 -2.97 -10.02 14.87
C LEU A 73 -2.09 -9.80 13.62
N PHE A 74 -2.58 -9.21 12.54
CA PHE A 74 -1.72 -9.05 11.33
C PHE A 74 -0.50 -8.16 11.69
N ILE A 75 -0.67 -7.16 12.56
CA ILE A 75 0.50 -6.35 13.00
C ILE A 75 1.40 -7.20 13.89
N GLN A 76 0.84 -7.90 14.87
CA GLN A 76 1.66 -8.77 15.73
C GLN A 76 2.49 -9.72 14.84
N TYR A 77 1.90 -10.33 13.81
CA TYR A 77 2.59 -11.35 12.96
C TYR A 77 3.69 -10.64 12.17
N GLY A 78 3.38 -9.47 11.60
CA GLY A 78 4.36 -8.71 10.79
C GLY A 78 5.55 -8.25 11.62
N LEU A 79 5.31 -7.78 12.86
CA LEU A 79 6.41 -7.40 13.77
C LEU A 79 7.23 -8.62 14.16
N ALA A 80 6.57 -9.76 14.46
CA ALA A 80 7.27 -10.99 14.82
C ALA A 80 8.23 -11.39 13.68
N ALA A 81 7.72 -11.45 12.46
CA ALA A 81 8.56 -11.81 11.29
C ALA A 81 9.69 -10.78 11.12
N SER A 82 9.39 -9.48 11.24
CA SER A 82 10.36 -8.36 11.07
C SER A 82 11.48 -8.47 12.12
N PHE A 83 11.11 -8.68 13.38
CA PHE A 83 12.13 -8.81 14.46
C PHE A 83 13.03 -10.02 14.17
N GLN A 84 12.46 -11.16 13.78
CA GLN A 84 13.26 -12.35 13.43
C GLN A 84 14.27 -11.97 12.33
N ALA A 85 13.80 -11.32 11.29
CA ALA A 85 14.63 -11.03 10.09
C ALA A 85 15.79 -10.12 10.51
N VAL A 86 15.49 -9.07 11.25
CA VAL A 86 16.53 -8.10 11.68
C VAL A 86 17.56 -8.80 12.56
N ARG A 87 17.11 -9.63 13.51
N ARG A 87 17.10 -9.62 13.53
CA ARG A 87 18.01 -10.40 14.41
CA ARG A 87 18.02 -10.40 14.40
C ARG A 87 18.85 -11.35 13.54
C ARG A 87 18.86 -11.35 13.53
N ASP A 88 18.23 -12.04 12.58
CA ASP A 88 18.91 -12.98 11.66
C ASP A 88 19.97 -12.26 10.83
N SER A 89 19.77 -10.98 10.49
CA SER A 89 20.70 -10.20 9.64
C SER A 89 22.03 -9.94 10.38
N GLY A 90 22.00 -9.84 11.71
CA GLY A 90 23.14 -9.35 12.53
C GLY A 90 23.31 -7.83 12.47
N LEU A 91 22.45 -7.12 11.75
CA LEU A 91 22.64 -5.67 11.56
C LEU A 91 22.42 -4.94 12.90
N GLU A 92 23.34 -4.01 13.22
CA GLU A 92 23.18 -3.12 14.39
C GLU A 92 22.78 -1.75 13.84
N VAL A 93 21.63 -1.25 14.29
CA VAL A 93 21.12 0.10 13.96
C VAL A 93 21.86 1.11 14.84
N THR A 94 22.40 2.15 14.23
CA THR A 94 23.18 3.21 14.90
C THR A 94 22.71 4.58 14.42
N ASP A 95 23.14 5.64 15.11
CA ASP A 95 22.93 7.02 14.59
C ASP A 95 23.56 7.14 13.20
N ALA A 96 24.62 6.40 12.88
CA ALA A 96 25.37 6.51 11.60
C ALA A 96 24.54 5.93 10.44
N ASN A 97 23.62 5.00 10.70
CA ASN A 97 22.93 4.28 9.58
C ASN A 97 21.40 4.28 9.73
N ARG A 98 20.83 4.80 10.83
CA ARG A 98 19.37 4.66 11.04
C ARG A 98 18.59 5.41 9.96
N GLU A 99 19.17 6.46 9.34
CA GLU A 99 18.45 7.22 8.28
C GLU A 99 18.44 6.43 6.98
N ARG A 100 19.25 5.38 6.87
CA ARG A 100 19.46 4.62 5.61
C ARG A 100 18.77 3.26 5.68
N ILE A 101 18.02 3.02 6.75
CA ILE A 101 17.29 1.73 6.95
C ILE A 101 15.80 2.06 6.99
N GLY A 102 15.02 1.42 6.10
CA GLY A 102 13.57 1.62 6.09
C GLY A 102 12.82 0.30 6.15
N VAL A 103 11.52 0.38 5.92
CA VAL A 103 10.63 -0.80 6.09
C VAL A 103 9.49 -0.64 5.09
N SER A 104 9.17 -1.72 4.44
CA SER A 104 7.99 -1.85 3.55
C SER A 104 7.38 -3.22 3.83
N MET A 105 6.53 -3.27 4.84
CA MET A 105 5.74 -4.47 5.19
C MET A 105 4.28 -4.18 4.83
N GLY A 106 3.74 -5.02 3.97
CA GLY A 106 2.41 -4.82 3.40
C GLY A 106 1.37 -5.78 3.94
N SER A 107 0.13 -5.58 3.52
CA SER A 107 -0.97 -6.53 3.79
C SER A 107 -2.03 -6.36 2.70
N GLY A 108 -2.76 -7.42 2.38
CA GLY A 108 -3.93 -7.35 1.48
C GLY A 108 -5.10 -6.65 2.14
N ILE A 109 -5.36 -7.01 3.39
CA ILE A 109 -6.60 -6.61 4.12
C ILE A 109 -6.29 -5.88 5.44
N GLY A 110 -5.17 -6.16 6.08
CA GLY A 110 -4.85 -5.57 7.38
C GLY A 110 -5.83 -6.06 8.44
N GLY A 111 -6.24 -5.19 9.36
CA GLY A 111 -6.71 -5.61 10.69
C GLY A 111 -8.18 -5.99 10.66
N LEU A 112 -8.52 -7.04 9.90
CA LEU A 112 -9.94 -7.41 9.70
C LEU A 112 -10.60 -7.88 11.01
N THR A 113 -9.90 -8.64 11.84
CA THR A 113 -10.38 -9.09 13.17
C THR A 113 -10.74 -7.84 13.98
N ASN A 114 -9.83 -6.86 14.03
CA ASN A 114 -10.07 -5.62 14.80
C ASN A 114 -11.29 -4.88 14.23
N ILE A 115 -11.39 -4.78 12.91
CA ILE A 115 -12.49 -4.04 12.27
C ILE A 115 -13.82 -4.68 12.67
N GLU A 116 -13.89 -5.99 12.55
CA GLU A 116 -15.10 -6.79 12.84
C GLU A 116 -15.49 -6.54 14.30
N ASN A 117 -14.54 -6.67 15.22
CA ASN A 117 -14.77 -6.54 16.68
C ASN A 117 -15.25 -5.14 17.03
N ASN A 118 -14.69 -4.10 16.40
CA ASN A 118 -15.10 -2.71 16.64
C ASN A 118 -16.42 -2.46 15.94
N CYS A 119 -16.66 -3.09 14.79
CA CYS A 119 -17.98 -2.96 14.13
C CYS A 119 -19.05 -3.58 15.05
N ARG A 120 -18.76 -4.69 15.73
CA ARG A 120 -19.68 -5.38 16.67
C ARG A 120 -20.02 -4.43 17.83
N SER A 121 -18.99 -3.84 18.44
CA SER A 121 -19.12 -2.77 19.49
C SER A 121 -19.99 -1.61 19.01
N LEU A 122 -19.72 -1.08 17.81
CA LEU A 122 -20.49 0.04 17.24
C LEU A 122 -21.96 -0.35 17.17
N PHE A 123 -22.28 -1.51 16.60
CA PHE A 123 -23.69 -1.90 16.30
C PHE A 123 -24.43 -2.36 17.58
N GLU A 124 -23.75 -3.03 18.49
CA GLU A 124 -24.42 -3.67 19.66
C GLU A 124 -24.48 -2.68 20.80
N GLN A 125 -23.50 -1.77 20.92
CA GLN A 125 -23.38 -0.87 22.08
C GLN A 125 -23.48 0.58 21.65
N GLY A 126 -22.64 0.99 20.70
CA GLY A 126 -22.60 2.37 20.23
C GLY A 126 -21.16 2.80 20.01
N PRO A 127 -20.99 3.99 19.40
CA PRO A 127 -19.67 4.49 19.02
C PRO A 127 -18.73 4.72 20.20
N ARG A 128 -19.27 5.02 21.41
CA ARG A 128 -18.45 5.28 22.61
C ARG A 128 -17.71 4.01 23.01
N ARG A 129 -18.07 2.85 22.46
CA ARG A 129 -17.36 1.60 22.79
C ARG A 129 -16.30 1.25 21.74
N ILE A 130 -16.11 2.07 20.71
CA ILE A 130 -15.00 1.80 19.74
C ILE A 130 -13.67 2.05 20.46
N SER A 131 -12.69 1.18 20.29
CA SER A 131 -11.36 1.31 20.90
C SER A 131 -10.68 2.59 20.44
N PRO A 132 -10.07 3.35 21.37
CA PRO A 132 -9.21 4.46 21.00
C PRO A 132 -8.04 4.06 20.08
N PHE A 133 -7.65 2.79 20.12
CA PHE A 133 -6.52 2.23 19.35
C PHE A 133 -7.05 1.63 18.03
N PHE A 134 -8.35 1.75 17.73
CA PHE A 134 -8.95 1.07 16.54
C PHE A 134 -8.17 1.43 15.26
N VAL A 135 -7.93 2.70 15.00
CA VAL A 135 -7.25 3.12 13.74
C VAL A 135 -5.77 2.73 13.74
N PRO A 136 -4.90 3.22 14.66
CA PRO A 136 -3.50 2.89 14.60
C PRO A 136 -3.27 1.38 14.82
N GLY A 137 -4.23 0.67 15.41
CA GLY A 137 -4.03 -0.78 15.69
C GLY A 137 -4.52 -1.69 14.57
N SER A 138 -5.07 -1.14 13.48
CA SER A 138 -5.75 -1.91 12.40
C SER A 138 -5.21 -1.56 11.01
N ILE A 139 -4.81 -0.32 10.77
CA ILE A 139 -4.51 0.10 9.36
C ILE A 139 -3.16 -0.42 8.90
N ILE A 140 -3.04 -0.57 7.59
CA ILE A 140 -2.09 -1.53 7.00
C ILE A 140 -0.65 -1.07 7.23
N ASN A 141 -0.42 0.25 7.20
CA ASN A 141 0.96 0.82 7.27
C ASN A 141 1.58 0.67 8.67
N MET A 142 0.87 0.10 9.64
CA MET A 142 1.35 0.20 11.05
C MET A 142 2.29 -0.95 11.40
N VAL A 143 2.49 -1.98 10.55
CA VAL A 143 3.67 -2.84 10.70
C VAL A 143 4.94 -2.00 10.45
N SER A 144 4.99 -1.31 9.31
CA SER A 144 6.12 -0.40 8.97
C SER A 144 6.28 0.63 10.09
N GLY A 145 5.19 1.21 10.54
CA GLY A 145 5.23 2.26 11.57
C GLY A 145 5.76 1.72 12.90
N PHE A 146 5.15 0.68 13.45
CA PHE A 146 5.55 0.13 14.77
C PHE A 146 6.98 -0.41 14.65
N LEU A 147 7.38 -1.04 13.55
CA LEU A 147 8.74 -1.61 13.49
C LEU A 147 9.74 -0.46 13.57
N SER A 148 9.47 0.62 12.83
N SER A 148 9.48 0.61 12.82
CA SER A 148 10.32 1.83 12.79
CA SER A 148 10.31 1.84 12.79
C SER A 148 10.45 2.43 14.20
C SER A 148 10.45 2.42 14.21
N ILE A 149 9.34 2.48 14.95
CA ILE A 149 9.33 3.05 16.34
C ILE A 149 10.19 2.19 17.25
N HIS A 150 10.04 0.85 17.18
CA HIS A 150 10.74 -0.10 18.09
C HIS A 150 12.23 -0.19 17.76
N LEU A 151 12.62 -0.17 16.47
CA LEU A 151 14.06 -0.31 16.11
C LEU A 151 14.76 1.01 15.80
N GLY A 152 14.03 2.13 15.67
CA GLY A 152 14.57 3.45 15.33
C GLY A 152 14.96 3.57 13.86
N LEU A 153 14.17 2.96 12.96
CA LEU A 153 14.41 3.03 11.50
C LEU A 153 13.83 4.34 10.94
N GLN A 154 14.67 5.16 10.32
CA GLN A 154 14.27 6.51 9.88
C GLN A 154 14.29 6.63 8.35
N GLY A 155 14.61 5.54 7.67
CA GLY A 155 14.58 5.46 6.20
C GLY A 155 13.14 5.45 5.66
N PRO A 156 13.01 5.24 4.34
CA PRO A 156 11.69 5.15 3.72
C PRO A 156 10.81 4.18 4.51
N ASN A 157 9.60 4.64 4.79
CA ASN A 157 8.61 4.00 5.67
C ASN A 157 7.31 3.97 4.92
N TYR A 158 6.94 2.81 4.40
CA TYR A 158 5.68 2.73 3.62
C TYR A 158 5.10 1.31 3.65
N ALA A 159 3.96 1.16 3.01
CA ALA A 159 3.28 -0.15 2.90
C ALA A 159 2.58 -0.22 1.55
N LEU A 160 2.69 -1.38 0.91
CA LEU A 160 1.92 -1.71 -0.31
C LEU A 160 0.66 -2.46 0.12
N THR A 161 -0.37 -2.38 -0.69
CA THR A 161 -1.56 -3.25 -0.56
C THR A 161 -2.03 -3.56 -1.97
N THR A 162 -1.60 -4.72 -2.48
CA THR A 162 -1.89 -5.19 -3.86
C THR A 162 -2.43 -6.61 -3.72
N ALA A 163 -3.34 -6.79 -2.77
CA ALA A 163 -4.08 -8.04 -2.55
C ALA A 163 -3.09 -9.20 -2.51
N GLN A 164 -3.24 -10.26 -3.31
CA GLN A 164 -2.43 -11.49 -3.19
C GLN A 164 -1.01 -11.28 -3.75
N THR A 165 -0.73 -10.09 -4.29
CA THR A 165 0.61 -9.77 -4.87
C THR A 165 1.46 -8.97 -3.88
N THR A 166 0.87 -8.56 -2.76
CA THR A 166 1.46 -7.58 -1.82
C THR A 166 2.89 -7.96 -1.44
N GLY A 167 3.14 -9.22 -1.01
CA GLY A 167 4.46 -9.56 -0.44
C GLY A 167 5.54 -9.44 -1.48
N THR A 168 5.20 -9.79 -2.70
CA THR A 168 6.15 -9.80 -3.83
C THR A 168 6.47 -8.36 -4.23
N HIS A 169 5.46 -7.55 -4.42
CA HIS A 169 5.60 -6.10 -4.71
C HIS A 169 6.39 -5.41 -3.59
N SER A 170 6.11 -5.76 -2.32
CA SER A 170 6.79 -5.07 -1.19
C SER A 170 8.28 -5.32 -1.28
N ILE A 171 8.67 -6.57 -1.53
CA ILE A 171 10.09 -6.97 -1.60
C ILE A 171 10.74 -6.32 -2.83
N GLY A 172 10.10 -6.41 -4.00
CA GLY A 172 10.65 -5.84 -5.23
C GLY A 172 10.91 -4.33 -5.14
N MET A 173 9.90 -3.58 -4.66
N MET A 173 9.94 -3.58 -4.62
CA MET A 173 9.98 -2.11 -4.57
CA MET A 173 10.03 -2.10 -4.58
C MET A 173 11.02 -1.73 -3.50
C MET A 173 10.97 -1.66 -3.44
N ALA A 174 11.08 -2.47 -2.38
CA ALA A 174 12.13 -2.24 -1.35
C ALA A 174 13.51 -2.45 -2.00
N ALA A 175 13.68 -3.45 -2.85
CA ALA A 175 14.95 -3.68 -3.57
C ALA A 175 15.23 -2.50 -4.49
N ARG A 176 14.24 -1.97 -5.19
CA ARG A 176 14.44 -0.76 -6.02
C ARG A 176 14.90 0.44 -5.14
N ASN A 177 14.31 0.63 -3.96
CA ASN A 177 14.75 1.73 -3.04
C ASN A 177 16.27 1.64 -2.83
N ILE A 178 16.77 0.44 -2.62
CA ILE A 178 18.22 0.22 -2.30
C ILE A 178 19.01 0.36 -3.60
N ALA A 179 18.53 -0.25 -4.67
CA ALA A 179 19.20 -0.19 -6.00
C ALA A 179 19.48 1.26 -6.39
N TYR A 180 18.49 2.13 -6.22
CA TYR A 180 18.50 3.54 -6.70
C TYR A 180 19.11 4.47 -5.64
N GLY A 181 19.50 3.98 -4.47
CA GLY A 181 20.22 4.80 -3.45
C GLY A 181 19.30 5.51 -2.46
N GLU A 182 18.01 5.17 -2.39
CA GLU A 182 17.06 5.82 -1.46
C GLU A 182 17.29 5.24 -0.06
N ALA A 183 17.84 4.02 0.03
CA ALA A 183 18.18 3.33 1.30
C ALA A 183 19.30 2.35 1.06
N ASP A 184 19.95 1.90 2.14
CA ASP A 184 20.99 0.86 2.08
C ASP A 184 20.43 -0.45 2.58
N VAL A 185 19.42 -0.35 3.45
CA VAL A 185 18.79 -1.55 4.07
C VAL A 185 17.28 -1.31 4.06
N MET A 186 16.53 -2.37 3.78
CA MET A 186 15.08 -2.35 3.94
C MET A 186 14.64 -3.67 4.58
N VAL A 187 13.68 -3.58 5.49
CA VAL A 187 12.96 -4.78 5.95
C VAL A 187 11.66 -4.83 5.15
N ALA A 188 11.41 -5.90 4.41
CA ALA A 188 10.28 -5.90 3.47
C ALA A 188 9.63 -7.27 3.44
N GLY A 189 8.34 -7.28 3.17
CA GLY A 189 7.54 -8.50 3.13
C GLY A 189 6.09 -8.18 3.35
N GLY A 190 5.40 -9.06 4.06
CA GLY A 190 3.98 -8.84 4.28
C GLY A 190 3.45 -9.66 5.42
N SER A 191 2.19 -9.40 5.79
CA SER A 191 1.52 -10.14 6.90
C SER A 191 0.02 -10.09 6.66
N GLU A 192 -0.65 -11.10 7.15
CA GLU A 192 -2.10 -11.23 6.92
C GLU A 192 -2.71 -12.08 8.02
N MET A 193 -3.87 -11.67 8.50
N MET A 193 -3.89 -11.67 8.46
CA MET A 193 -4.77 -12.49 9.35
CA MET A 193 -4.78 -12.42 9.38
C MET A 193 -6.20 -12.10 9.00
C MET A 193 -6.22 -12.08 9.00
N ALA A 194 -6.76 -12.79 8.01
CA ALA A 194 -8.09 -12.49 7.47
C ALA A 194 -9.10 -13.54 7.96
N ALA A 195 -8.71 -14.44 8.87
CA ALA A 195 -9.59 -15.54 9.36
C ALA A 195 -10.48 -15.01 10.49
N CYS A 196 -11.49 -14.27 10.08
CA CYS A 196 -12.64 -13.88 10.92
C CYS A 196 -13.89 -14.04 10.06
N GLY A 197 -15.08 -13.82 10.62
CA GLY A 197 -16.31 -14.03 9.85
C GLY A 197 -16.29 -13.23 8.56
N LEU A 198 -15.86 -11.97 8.64
CA LEU A 198 -15.83 -11.09 7.46
C LEU A 198 -14.94 -11.71 6.38
N GLY A 199 -13.82 -12.30 6.76
CA GLY A 199 -12.88 -12.84 5.77
C GLY A 199 -13.38 -14.16 5.16
N LEU A 200 -13.68 -15.13 6.01
CA LEU A 200 -14.16 -16.45 5.52
C LEU A 200 -15.52 -16.22 4.84
N GLY A 201 -16.35 -15.33 5.39
CA GLY A 201 -17.65 -14.95 4.79
C GLY A 201 -17.47 -14.28 3.45
N GLY A 202 -16.58 -13.29 3.35
CA GLY A 202 -16.39 -12.52 2.11
C GLY A 202 -15.84 -13.38 0.99
N PHE A 203 -14.79 -14.15 1.25
CA PHE A 203 -14.24 -15.08 0.22
C PHE A 203 -15.24 -16.20 -0.07
N GLY A 204 -15.99 -16.63 0.95
CA GLY A 204 -17.07 -17.61 0.81
C GLY A 204 -18.18 -17.10 -0.08
N ALA A 205 -18.57 -15.85 0.04
CA ALA A 205 -19.65 -15.25 -0.79
C ALA A 205 -19.23 -15.27 -2.25
N ALA A 206 -17.93 -15.16 -2.53
CA ALA A 206 -17.37 -15.19 -3.91
C ALA A 206 -17.21 -16.63 -4.41
N ARG A 207 -17.43 -17.62 -3.56
CA ARG A 207 -17.26 -19.04 -3.91
C ARG A 207 -15.82 -19.30 -4.38
N ALA A 208 -14.85 -18.50 -3.88
CA ALA A 208 -13.41 -18.53 -4.22
C ALA A 208 -12.68 -19.61 -3.41
N LEU A 209 -13.24 -20.04 -2.28
CA LEU A 209 -12.56 -20.93 -1.29
C LEU A 209 -12.86 -22.39 -1.57
N SER A 210 -11.90 -23.28 -1.30
CA SER A 210 -12.17 -24.73 -1.24
C SER A 210 -13.21 -25.00 -0.13
N THR A 211 -14.18 -25.87 -0.41
CA THR A 211 -15.18 -26.30 0.61
C THR A 211 -14.90 -27.74 1.06
N ARG A 212 -13.66 -28.21 1.02
CA ARG A 212 -13.31 -29.62 1.39
C ARG A 212 -13.20 -29.75 2.92
N ASN A 213 -14.26 -29.46 3.66
CA ASN A 213 -14.23 -29.31 5.13
C ASN A 213 -13.91 -30.66 5.80
N ASP A 214 -14.28 -31.74 5.13
CA ASP A 214 -14.14 -33.11 5.68
C ASP A 214 -12.75 -33.65 5.44
N GLU A 215 -11.89 -32.95 4.70
CA GLU A 215 -10.49 -33.40 4.52
C GLU A 215 -9.61 -32.17 4.25
N PRO A 216 -9.46 -31.27 5.25
CA PRO A 216 -8.72 -30.02 5.05
C PRO A 216 -7.28 -30.12 4.54
N THR A 217 -6.51 -31.14 4.93
CA THR A 217 -5.09 -31.24 4.49
C THR A 217 -5.06 -31.52 2.97
N ARG A 218 -6.16 -31.99 2.36
CA ARG A 218 -6.16 -32.33 0.91
C ARG A 218 -6.82 -31.21 0.11
N ALA A 219 -7.30 -30.14 0.77
CA ALA A 219 -8.09 -29.08 0.12
C ALA A 219 -7.23 -28.35 -0.93
N SER A 220 -6.03 -27.95 -0.54
CA SER A 220 -5.09 -27.17 -1.39
C SER A 220 -4.33 -28.15 -2.30
N ARG A 221 -4.69 -28.16 -3.56
CA ARG A 221 -4.22 -29.21 -4.52
C ARG A 221 -3.94 -28.54 -5.85
N PRO A 222 -2.94 -27.62 -5.91
CA PRO A 222 -2.65 -26.86 -7.12
C PRO A 222 -2.40 -27.77 -8.33
N TRP A 223 -3.08 -27.48 -9.44
CA TRP A 223 -3.02 -28.20 -10.76
C TRP A 223 -3.67 -29.59 -10.69
N ASP A 224 -4.19 -30.00 -9.52
CA ASP A 224 -4.93 -31.29 -9.38
C ASP A 224 -6.31 -31.12 -10.03
N ARG A 225 -6.78 -32.13 -10.79
CA ARG A 225 -8.08 -32.00 -11.51
C ARG A 225 -9.23 -31.83 -10.53
N ASP A 226 -9.10 -32.17 -9.24
CA ASP A 226 -10.21 -32.13 -8.25
C ASP A 226 -10.10 -30.89 -7.35
N ARG A 227 -9.29 -29.89 -7.72
CA ARG A 227 -9.15 -28.63 -6.94
C ARG A 227 -10.46 -27.84 -7.03
N ASP A 228 -10.79 -27.10 -5.98
CA ASP A 228 -12.09 -26.39 -5.88
C ASP A 228 -11.92 -25.04 -5.17
N GLY A 229 -10.72 -24.45 -5.24
CA GLY A 229 -10.47 -23.08 -4.75
C GLY A 229 -9.33 -23.03 -3.74
N PHE A 230 -9.04 -21.82 -3.28
CA PHE A 230 -7.86 -21.58 -2.42
C PHE A 230 -8.26 -21.85 -0.97
N VAL A 231 -7.24 -22.04 -0.18
CA VAL A 231 -7.34 -22.25 1.28
C VAL A 231 -6.76 -21.02 1.95
N LEU A 232 -7.55 -20.43 2.84
CA LEU A 232 -7.21 -19.13 3.46
C LEU A 232 -6.23 -19.40 4.61
N SER A 233 -5.11 -18.68 4.64
CA SER A 233 -4.00 -18.90 5.60
C SER A 233 -3.44 -17.58 6.12
N ASP A 234 -2.85 -17.67 7.29
CA ASP A 234 -2.41 -16.52 8.10
C ASP A 234 -0.89 -16.58 8.25
N GLY A 235 -0.30 -15.41 8.50
CA GLY A 235 1.10 -15.36 8.89
C GLY A 235 1.81 -14.17 8.30
N SER A 236 3.12 -14.29 8.14
N SER A 236 3.13 -14.24 8.23
CA SER A 236 4.03 -13.18 7.81
CA SER A 236 4.02 -13.12 7.79
C SER A 236 5.37 -13.72 7.30
C SER A 236 5.38 -13.65 7.36
N GLY A 237 5.96 -12.99 6.36
CA GLY A 237 7.36 -13.17 5.96
C GLY A 237 7.98 -11.79 5.98
N ALA A 238 9.23 -11.71 6.41
CA ALA A 238 10.02 -10.47 6.31
C ALA A 238 11.42 -10.87 5.90
N LEU A 239 12.00 -10.06 5.04
CA LEU A 239 13.41 -10.20 4.64
C LEU A 239 14.11 -8.89 4.91
N VAL A 240 15.38 -9.01 5.29
CA VAL A 240 16.31 -7.84 5.30
C VAL A 240 17.02 -7.84 3.93
N LEU A 241 16.74 -6.80 3.16
CA LEU A 241 17.39 -6.53 1.88
C LEU A 241 18.51 -5.54 2.19
N GLU A 242 19.65 -5.70 1.53
CA GLU A 242 20.81 -4.86 1.88
C GLU A 242 21.64 -4.62 0.63
N GLU A 243 22.10 -3.39 0.44
CA GLU A 243 23.04 -3.12 -0.67
C GLU A 243 24.26 -4.03 -0.51
N LEU A 244 24.75 -4.59 -1.62
CA LEU A 244 25.81 -5.61 -1.66
C LEU A 244 27.07 -5.10 -0.92
N GLU A 245 27.61 -3.93 -1.30
CA GLU A 245 28.89 -3.42 -0.71
C GLU A 245 28.70 -3.15 0.78
N HIS A 246 27.52 -2.68 1.18
CA HIS A 246 27.13 -2.49 2.61
C HIS A 246 27.22 -3.84 3.33
N ALA A 247 26.67 -4.90 2.74
CA ALA A 247 26.70 -6.26 3.35
C ALA A 247 28.14 -6.76 3.44
N ARG A 248 28.90 -6.59 2.36
CA ARG A 248 30.30 -7.05 2.29
C ARG A 248 31.13 -6.36 3.36
N ALA A 249 30.94 -5.03 3.50
CA ALA A 249 31.72 -4.13 4.39
C ALA A 249 31.56 -4.60 5.83
N ARG A 250 30.38 -5.08 6.21
CA ARG A 250 30.11 -5.48 7.61
C ARG A 250 30.29 -7.00 7.80
N GLY A 251 30.71 -7.75 6.79
CA GLY A 251 30.88 -9.22 6.88
C GLY A 251 29.56 -9.96 7.05
N ALA A 252 28.48 -9.49 6.43
CA ALA A 252 27.16 -10.12 6.60
C ALA A 252 27.19 -11.49 5.93
N ARG A 253 26.45 -12.43 6.50
CA ARG A 253 26.07 -13.67 5.78
C ARG A 253 25.05 -13.30 4.70
N ILE A 254 25.33 -13.65 3.47
CA ILE A 254 24.40 -13.39 2.33
C ILE A 254 23.74 -14.71 1.93
N TYR A 255 22.41 -14.78 2.00
CA TYR A 255 21.66 -15.98 1.58
C TYR A 255 21.64 -16.15 0.06
N ALA A 256 21.43 -15.05 -0.65
CA ALA A 256 21.16 -15.01 -2.10
C ALA A 256 21.11 -13.55 -2.53
N GLU A 257 21.19 -13.33 -3.84
CA GLU A 257 21.09 -11.99 -4.44
C GLU A 257 19.71 -11.89 -5.09
N LEU A 258 19.07 -10.73 -4.93
N LEU A 258 19.10 -10.71 -4.99
CA LEU A 258 17.82 -10.36 -5.64
CA LEU A 258 17.82 -10.36 -5.64
C LEU A 258 18.24 -9.65 -6.94
C LEU A 258 18.15 -9.63 -6.95
N VAL A 259 18.09 -10.34 -8.08
CA VAL A 259 18.60 -9.83 -9.39
C VAL A 259 17.48 -9.26 -10.26
N GLY A 260 16.22 -9.58 -10.02
CA GLY A 260 15.18 -9.15 -10.94
C GLY A 260 13.83 -8.98 -10.28
N PHE A 261 13.09 -8.04 -10.80
CA PHE A 261 11.71 -7.75 -10.35
C PHE A 261 10.89 -7.28 -11.53
N GLY A 262 9.72 -7.89 -11.64
CA GLY A 262 8.76 -7.50 -12.66
C GLY A 262 7.43 -7.24 -12.03
N MET A 263 6.75 -6.27 -12.61
CA MET A 263 5.33 -6.00 -12.39
C MET A 263 4.71 -5.90 -13.78
N SER A 264 3.43 -6.17 -13.82
CA SER A 264 2.61 -5.90 -15.01
C SER A 264 1.18 -5.93 -14.49
N GLY A 265 0.28 -5.19 -15.15
CA GLY A 265 -1.18 -5.39 -15.00
C GLY A 265 -1.72 -6.25 -16.13
N ASP A 266 -2.62 -7.15 -15.82
CA ASP A 266 -3.39 -7.96 -16.80
C ASP A 266 -4.26 -7.01 -17.64
N ALA A 267 -4.89 -6.06 -16.96
CA ALA A 267 -5.97 -5.22 -17.54
C ALA A 267 -7.07 -6.11 -18.12
N PHE A 268 -7.40 -7.20 -17.43
CA PHE A 268 -8.33 -8.23 -17.95
C PHE A 268 -9.62 -8.22 -17.13
N HIS A 269 -9.53 -8.50 -15.84
CA HIS A 269 -10.74 -8.75 -15.00
C HIS A 269 -10.41 -8.44 -13.54
N MET A 270 -11.41 -7.98 -12.79
CA MET A 270 -11.21 -7.54 -11.38
C MET A 270 -10.70 -8.70 -10.55
N THR A 271 -11.10 -9.95 -10.82
CA THR A 271 -10.75 -11.11 -9.96
C THR A 271 -10.20 -12.31 -10.72
N ALA A 272 -10.58 -12.53 -11.97
CA ALA A 272 -10.23 -13.73 -12.75
C ALA A 272 -8.94 -13.45 -13.52
N PRO A 273 -7.98 -14.39 -13.54
CA PRO A 273 -6.80 -14.23 -14.40
C PRO A 273 -7.17 -14.66 -15.81
N PRO A 274 -6.57 -14.10 -16.88
CA PRO A 274 -6.87 -14.57 -18.22
C PRO A 274 -6.37 -16.03 -18.35
N GLU A 275 -7.08 -16.91 -19.06
CA GLU A 275 -6.76 -18.36 -19.14
C GLU A 275 -5.36 -18.59 -19.76
N ASP A 276 -4.94 -17.69 -20.65
CA ASP A 276 -3.65 -17.83 -21.40
C ASP A 276 -2.45 -17.32 -20.58
N GLY A 277 -2.68 -16.72 -19.42
CA GLY A 277 -1.58 -16.26 -18.55
C GLY A 277 -0.81 -15.07 -19.11
N ALA A 278 -1.40 -14.26 -20.00
CA ALA A 278 -0.69 -13.19 -20.73
C ALA A 278 -0.01 -12.20 -19.76
N GLY A 279 -0.70 -11.79 -18.70
CA GLY A 279 -0.17 -10.78 -17.75
C GLY A 279 0.98 -11.36 -16.94
N ALA A 280 0.84 -12.60 -16.48
CA ALA A 280 1.90 -13.35 -15.77
C ALA A 280 3.13 -13.55 -16.69
N ALA A 281 2.90 -13.85 -17.96
CA ALA A 281 4.00 -13.97 -18.93
C ALA A 281 4.69 -12.60 -19.09
N ARG A 282 3.95 -11.53 -19.25
CA ARG A 282 4.54 -10.17 -19.43
C ARG A 282 5.40 -9.88 -18.19
N CYS A 283 4.85 -10.19 -17.03
CA CYS A 283 5.51 -9.93 -15.72
C CYS A 283 6.83 -10.72 -15.60
N MET A 284 6.82 -12.01 -15.93
CA MET A 284 8.04 -12.84 -15.82
C MET A 284 9.09 -12.32 -16.80
N LYS A 285 8.67 -11.98 -18.01
CA LYS A 285 9.64 -11.51 -19.05
C LYS A 285 10.27 -10.18 -18.60
N ASN A 286 9.48 -9.27 -18.02
CA ASN A 286 10.03 -8.03 -17.41
C ASN A 286 11.10 -8.37 -16.39
N ALA A 287 10.82 -9.34 -15.51
CA ALA A 287 11.69 -9.74 -14.39
C ALA A 287 12.98 -10.38 -14.93
N LEU A 288 12.90 -11.19 -15.98
CA LEU A 288 14.08 -11.91 -16.51
C LEU A 288 14.96 -10.90 -17.24
N ARG A 289 14.33 -9.98 -17.97
CA ARG A 289 15.09 -8.90 -18.66
C ARG A 289 15.77 -7.99 -17.63
N ASP A 290 15.08 -7.64 -16.54
CA ASP A 290 15.62 -6.87 -15.40
C ASP A 290 16.83 -7.57 -14.81
N ALA A 291 16.85 -8.92 -14.76
CA ALA A 291 17.94 -9.71 -14.16
C ALA A 291 19.05 -9.97 -15.19
N GLY A 292 18.90 -9.53 -16.43
CA GLY A 292 19.92 -9.77 -17.48
C GLY A 292 20.10 -11.25 -17.74
N LEU A 293 19.01 -12.04 -17.74
CA LEU A 293 19.11 -13.51 -17.81
C LEU A 293 18.64 -13.99 -19.19
N ASP A 294 19.24 -15.11 -19.58
CA ASP A 294 18.67 -16.10 -20.51
C ASP A 294 17.58 -16.86 -19.75
N PRO A 295 16.32 -16.94 -20.25
CA PRO A 295 15.27 -17.69 -19.54
C PRO A 295 15.70 -19.13 -19.21
N ARG A 296 16.56 -19.74 -20.03
CA ARG A 296 17.07 -21.11 -19.76
C ARG A 296 17.88 -21.21 -18.47
N GLN A 297 18.28 -20.09 -17.86
CA GLN A 297 19.01 -20.08 -16.57
C GLN A 297 18.01 -20.38 -15.44
N VAL A 298 16.71 -20.20 -15.66
CA VAL A 298 15.74 -20.45 -14.56
C VAL A 298 15.68 -21.96 -14.24
N ASP A 299 15.97 -22.32 -12.99
CA ASP A 299 15.97 -23.71 -12.49
C ASP A 299 14.69 -24.03 -11.72
N TYR A 300 14.19 -23.10 -10.92
CA TYR A 300 13.05 -23.36 -9.99
C TYR A 300 12.11 -22.16 -9.99
N ILE A 301 10.81 -22.45 -10.06
CA ILE A 301 9.75 -21.44 -9.96
C ILE A 301 8.87 -21.79 -8.75
N ASN A 302 8.81 -20.89 -7.77
CA ASN A 302 7.78 -20.99 -6.72
C ASN A 302 6.55 -20.32 -7.33
N ALA A 303 5.62 -21.13 -7.82
CA ALA A 303 4.37 -20.64 -8.46
C ALA A 303 3.51 -19.87 -7.47
N HIS A 304 2.61 -19.05 -7.97
CA HIS A 304 1.50 -18.55 -7.12
C HIS A 304 0.68 -19.77 -6.69
N GLY A 305 0.26 -20.57 -7.67
CA GLY A 305 -0.27 -21.93 -7.43
C GLY A 305 -1.37 -21.94 -6.38
N THR A 306 -2.46 -21.20 -6.58
CA THR A 306 -3.50 -20.95 -5.53
C THR A 306 -4.45 -22.15 -5.34
N SER A 307 -4.50 -23.12 -6.28
CA SER A 307 -5.54 -24.18 -6.27
C SER A 307 -6.93 -23.67 -6.70
N THR A 308 -6.98 -22.60 -7.50
CA THR A 308 -8.21 -22.21 -8.22
C THR A 308 -8.14 -22.87 -9.58
N PRO A 309 -9.29 -23.28 -10.14
CA PRO A 309 -9.32 -23.78 -11.51
C PRO A 309 -8.64 -22.87 -12.53
N ALA A 310 -8.97 -21.58 -12.57
CA ALA A 310 -8.50 -20.67 -13.64
C ALA A 310 -7.05 -20.22 -13.36
N GLY A 311 -6.73 -19.91 -12.11
CA GLY A 311 -5.36 -19.43 -11.75
C GLY A 311 -4.27 -20.44 -12.10
N ASP A 312 -4.45 -21.68 -11.68
CA ASP A 312 -3.42 -22.74 -11.82
C ASP A 312 -3.15 -22.98 -13.32
N ILE A 313 -4.18 -23.01 -14.16
CA ILE A 313 -3.97 -23.32 -15.60
C ILE A 313 -3.33 -22.11 -16.32
N ALA A 314 -3.72 -20.88 -15.96
CA ALA A 314 -3.12 -19.63 -16.47
C ALA A 314 -1.61 -19.65 -16.21
N GLU A 315 -1.17 -20.14 -15.05
CA GLU A 315 0.26 -20.17 -14.70
C GLU A 315 1.01 -21.16 -15.56
N ILE A 316 0.42 -22.31 -15.85
CA ILE A 316 1.10 -23.28 -16.77
C ILE A 316 1.29 -22.58 -18.12
N ALA A 317 0.21 -22.00 -18.65
CA ALA A 317 0.19 -21.34 -19.97
C ALA A 317 1.27 -20.23 -19.98
N ALA A 318 1.37 -19.42 -18.92
CA ALA A 318 2.39 -18.35 -18.86
C ALA A 318 3.81 -18.94 -18.87
N VAL A 319 4.07 -19.97 -18.09
CA VAL A 319 5.43 -20.57 -17.96
C VAL A 319 5.82 -21.19 -19.33
N LYS A 320 4.90 -21.91 -19.97
CA LYS A 320 5.14 -22.47 -21.33
C LYS A 320 5.44 -21.35 -22.33
N SER A 321 4.69 -20.24 -22.29
CA SER A 321 4.87 -19.12 -23.24
C SER A 321 6.26 -18.49 -23.01
N VAL A 322 6.66 -18.32 -21.75
CA VAL A 322 7.92 -17.61 -21.43
C VAL A 322 9.13 -18.51 -21.69
N PHE A 323 9.05 -19.78 -21.36
CA PHE A 323 10.25 -20.65 -21.29
C PHE A 323 10.31 -21.63 -22.46
N GLY A 324 9.28 -21.73 -23.29
CA GLY A 324 9.27 -22.63 -24.45
C GLY A 324 9.73 -24.03 -24.05
N GLU A 325 10.68 -24.65 -24.76
CA GLU A 325 11.09 -26.05 -24.44
C GLU A 325 11.74 -26.10 -23.04
N HIS A 326 12.32 -25.00 -22.57
CA HIS A 326 12.96 -25.01 -21.23
C HIS A 326 11.89 -25.16 -20.14
N ALA A 327 10.62 -24.96 -20.46
CA ALA A 327 9.52 -25.15 -19.47
C ALA A 327 9.51 -26.60 -18.94
N HIS A 328 10.01 -27.55 -19.73
CA HIS A 328 10.09 -29.00 -19.40
C HIS A 328 11.38 -29.31 -18.64
N ALA A 329 12.29 -28.36 -18.44
CA ALA A 329 13.57 -28.64 -17.76
C ALA A 329 13.56 -28.06 -16.34
N LEU A 330 12.97 -26.89 -16.14
CA LEU A 330 12.90 -26.26 -14.80
C LEU A 330 11.95 -27.10 -13.93
N SER A 331 11.99 -26.88 -12.63
CA SER A 331 10.97 -27.41 -11.68
C SER A 331 10.11 -26.26 -11.20
N MET A 332 8.80 -26.49 -11.12
CA MET A 332 7.86 -25.47 -10.60
C MET A 332 7.01 -26.13 -9.52
N SER A 333 6.88 -25.51 -8.37
CA SER A 333 6.00 -26.08 -7.32
C SER A 333 5.21 -24.95 -6.66
N SER A 334 4.10 -25.35 -6.05
CA SER A 334 3.29 -24.48 -5.20
C SER A 334 3.41 -24.95 -3.74
N THR A 335 4.07 -24.16 -2.92
CA THR A 335 4.13 -24.42 -1.47
C THR A 335 2.78 -24.11 -0.83
N LYS A 336 1.85 -23.45 -1.55
CA LYS A 336 0.47 -23.26 -1.04
C LYS A 336 -0.21 -24.62 -0.87
N SER A 337 0.25 -25.65 -1.57
CA SER A 337 -0.22 -27.04 -1.35
C SER A 337 -0.14 -27.37 0.15
N MET A 338 0.84 -26.82 0.87
CA MET A 338 1.11 -27.12 2.30
C MET A 338 0.70 -25.96 3.21
N THR A 339 0.97 -24.70 2.80
CA THR A 339 0.74 -23.52 3.67
C THR A 339 -0.66 -22.93 3.53
N GLY A 340 -1.36 -23.21 2.42
CA GLY A 340 -2.49 -22.42 1.92
C GLY A 340 -1.99 -21.07 1.45
N HIS A 341 -2.95 -20.19 1.22
CA HIS A 341 -2.79 -18.87 0.58
C HIS A 341 -2.78 -17.81 1.67
N LEU A 342 -1.61 -17.27 1.98
CA LEU A 342 -1.43 -16.23 3.00
C LEU A 342 -1.72 -14.85 2.40
N LEU A 343 -2.34 -14.79 1.23
CA LEU A 343 -2.83 -13.54 0.63
C LEU A 343 -1.66 -12.55 0.57
N GLY A 344 -1.78 -11.39 1.21
CA GLY A 344 -0.69 -10.40 1.10
C GLY A 344 0.64 -10.87 1.68
N ALA A 345 0.68 -11.92 2.52
CA ALA A 345 1.93 -12.49 3.03
C ALA A 345 2.44 -13.63 2.12
N ALA A 346 1.65 -14.11 1.15
CA ALA A 346 2.06 -15.25 0.31
C ALA A 346 3.40 -14.98 -0.38
N GLY A 347 3.56 -13.83 -1.04
CA GLY A 347 4.79 -13.53 -1.80
C GLY A 347 5.97 -13.39 -0.86
N ALA A 348 5.71 -13.04 0.40
CA ALA A 348 6.80 -12.86 1.38
C ALA A 348 7.33 -14.23 1.85
N VAL A 349 6.45 -15.13 2.29
CA VAL A 349 6.88 -16.48 2.75
C VAL A 349 7.46 -17.23 1.55
N GLU A 350 6.89 -17.04 0.37
CA GLU A 350 7.32 -17.74 -0.85
C GLU A 350 8.64 -17.20 -1.34
N ALA A 351 8.92 -15.92 -1.20
CA ALA A 351 10.29 -15.39 -1.48
C ALA A 351 11.30 -16.08 -0.55
N ILE A 352 10.94 -16.26 0.72
CA ILE A 352 11.84 -16.94 1.70
C ILE A 352 12.04 -18.39 1.26
N PHE A 353 10.98 -19.07 0.84
CA PHE A 353 11.08 -20.48 0.40
C PHE A 353 11.97 -20.55 -0.83
N SER A 354 11.90 -19.56 -1.70
CA SER A 354 12.71 -19.53 -2.94
C SER A 354 14.18 -19.36 -2.58
N VAL A 355 14.48 -18.49 -1.62
CA VAL A 355 15.86 -18.27 -1.18
C VAL A 355 16.40 -19.56 -0.53
N LEU A 356 15.57 -20.26 0.25
CA LEU A 356 15.98 -21.51 0.93
C LEU A 356 16.13 -22.63 -0.11
N ALA A 357 15.35 -22.61 -1.19
CA ALA A 357 15.51 -23.56 -2.30
C ALA A 357 16.93 -23.39 -2.88
N LEU A 358 17.39 -22.14 -2.99
CA LEU A 358 18.76 -21.85 -3.45
C LEU A 358 19.79 -22.33 -2.41
N ARG A 359 19.60 -21.99 -1.13
CA ARG A 359 20.59 -22.34 -0.08
C ARG A 359 20.74 -23.87 -0.05
N ASP A 360 19.65 -24.62 -0.09
CA ASP A 360 19.64 -26.09 0.15
C ASP A 360 19.64 -26.90 -1.14
N GLN A 361 19.53 -26.28 -2.31
CA GLN A 361 19.50 -27.01 -3.61
C GLN A 361 18.40 -28.07 -3.61
N VAL A 362 17.18 -27.63 -3.34
CA VAL A 362 16.00 -28.53 -3.32
C VAL A 362 14.78 -27.72 -3.72
N ALA A 363 14.00 -28.31 -4.61
CA ALA A 363 12.67 -27.87 -5.02
C ALA A 363 11.67 -28.46 -4.03
N PRO A 364 10.97 -27.60 -3.29
CA PRO A 364 9.87 -28.06 -2.44
C PRO A 364 8.79 -28.73 -3.26
N PRO A 365 8.04 -29.69 -2.67
CA PRO A 365 6.97 -30.36 -3.39
C PRO A 365 5.69 -29.55 -3.57
N THR A 366 4.90 -29.92 -4.55
CA THR A 366 3.46 -29.60 -4.59
C THR A 366 2.76 -30.83 -4.02
N ILE A 367 2.34 -30.82 -2.77
CA ILE A 367 1.58 -31.98 -2.23
C ILE A 367 0.18 -31.99 -2.84
N ASN A 368 -0.45 -33.15 -2.75
CA ASN A 368 -1.87 -33.36 -3.14
C ASN A 368 -2.03 -33.42 -4.65
N LEU A 369 -0.94 -33.42 -5.42
CA LEU A 369 -1.03 -33.41 -6.90
C LEU A 369 -1.17 -34.86 -7.39
N ASP A 370 -2.35 -35.43 -7.16
CA ASP A 370 -2.63 -36.86 -7.39
C ASP A 370 -2.92 -37.07 -8.87
N ASN A 371 -3.73 -36.20 -9.47
CA ASN A 371 -4.15 -36.32 -10.89
C ASN A 371 -3.97 -34.96 -11.55
N PRO A 372 -2.78 -34.66 -12.11
CA PRO A 372 -2.57 -33.41 -12.81
C PRO A 372 -3.65 -33.16 -13.86
N ASP A 373 -4.12 -31.92 -13.93
CA ASP A 373 -5.23 -31.56 -14.84
C ASP A 373 -4.70 -31.53 -16.28
N GLU A 374 -5.62 -31.48 -17.23
CA GLU A 374 -5.30 -31.32 -18.66
C GLU A 374 -4.26 -30.19 -18.81
N GLY A 375 -3.14 -30.51 -19.47
CA GLY A 375 -2.08 -29.55 -19.86
C GLY A 375 -1.12 -29.23 -18.72
N CYS A 376 -1.33 -29.76 -17.51
CA CYS A 376 -0.47 -29.53 -16.32
C CYS A 376 0.61 -30.61 -16.30
N ASP A 377 1.48 -30.59 -17.33
CA ASP A 377 2.41 -31.73 -17.63
C ASP A 377 3.86 -31.27 -17.53
N LEU A 378 4.13 -30.19 -16.78
CA LEU A 378 5.50 -29.77 -16.42
C LEU A 378 6.01 -30.60 -15.23
N ASP A 379 7.29 -30.45 -14.88
CA ASP A 379 7.79 -30.92 -13.57
C ASP A 379 7.19 -30.02 -12.47
N LEU A 380 6.10 -30.46 -11.84
CA LEU A 380 5.42 -29.74 -10.74
C LEU A 380 5.84 -30.27 -9.36
N VAL A 381 6.91 -31.06 -9.31
CA VAL A 381 7.52 -31.64 -8.07
C VAL A 381 6.40 -32.29 -7.23
N ALA A 382 5.53 -33.06 -7.87
CA ALA A 382 4.41 -33.77 -7.20
C ALA A 382 4.90 -34.56 -5.98
N HIS A 383 4.22 -34.38 -4.84
CA HIS A 383 4.27 -35.24 -3.61
C HIS A 383 5.52 -35.02 -2.76
N GLU A 384 6.72 -35.01 -3.34
CA GLU A 384 8.00 -35.16 -2.60
C GLU A 384 9.05 -34.15 -3.08
N ALA A 385 9.80 -33.60 -2.13
CA ALA A 385 10.86 -32.58 -2.37
C ALA A 385 11.84 -33.19 -3.37
N LYS A 386 12.36 -32.38 -4.29
CA LYS A 386 13.30 -32.84 -5.34
C LYS A 386 14.64 -32.11 -5.21
N PRO A 387 15.67 -32.76 -4.66
CA PRO A 387 17.01 -32.19 -4.68
C PRO A 387 17.45 -32.00 -6.14
N ARG A 388 18.05 -30.87 -6.46
CA ARG A 388 18.43 -30.51 -7.85
C ARG A 388 19.28 -29.26 -7.83
N LYS A 389 19.95 -29.05 -8.96
CA LYS A 389 20.74 -27.84 -9.20
C LYS A 389 19.76 -26.66 -9.34
N ILE A 390 19.96 -25.64 -8.50
CA ILE A 390 19.18 -24.38 -8.58
C ILE A 390 20.16 -23.21 -8.47
N ASP A 391 20.44 -22.56 -9.59
CA ASP A 391 21.23 -21.31 -9.58
C ASP A 391 20.28 -20.11 -9.58
N VAL A 392 19.13 -20.23 -10.25
CA VAL A 392 18.18 -19.09 -10.39
C VAL A 392 16.79 -19.58 -10.02
N ALA A 393 16.14 -18.84 -9.12
CA ALA A 393 14.80 -19.18 -8.65
C ALA A 393 13.92 -17.97 -8.86
N LEU A 394 12.70 -18.21 -9.32
N LEU A 394 12.75 -18.19 -9.46
CA LEU A 394 11.69 -17.18 -9.62
CA LEU A 394 11.65 -17.19 -9.58
C LEU A 394 10.48 -17.40 -8.69
C LEU A 394 10.67 -17.41 -8.42
N SER A 395 9.96 -16.33 -8.06
CA SER A 395 8.75 -16.39 -7.22
C SER A 395 7.67 -15.56 -7.86
N ASN A 396 6.51 -16.16 -8.19
CA ASN A 396 5.42 -15.42 -8.86
C ASN A 396 4.25 -15.15 -7.92
N SER A 397 3.58 -14.03 -8.09
CA SER A 397 2.32 -13.70 -7.42
C SER A 397 1.43 -12.99 -8.44
N PHE A 398 0.11 -13.21 -8.30
N PHE A 398 0.13 -13.24 -8.38
CA PHE A 398 -0.98 -12.60 -9.11
CA PHE A 398 -0.88 -12.40 -9.08
C PHE A 398 -2.11 -12.23 -8.15
C PHE A 398 -2.00 -12.13 -8.09
N GLY A 399 -2.82 -11.13 -8.38
CA GLY A 399 -3.89 -10.74 -7.46
C GLY A 399 -5.03 -10.08 -8.13
N PHE A 400 -6.08 -9.88 -7.34
CA PHE A 400 -7.22 -9.04 -7.72
C PHE A 400 -6.72 -7.73 -8.30
N GLY A 401 -7.44 -7.27 -9.31
CA GLY A 401 -7.10 -6.07 -10.08
C GLY A 401 -6.14 -6.37 -11.20
N GLY A 402 -5.85 -7.64 -11.42
CA GLY A 402 -4.95 -8.09 -12.49
C GLY A 402 -3.52 -7.70 -12.19
N THR A 403 -3.14 -7.67 -10.92
N THR A 403 -3.20 -7.61 -10.90
CA THR A 403 -1.80 -7.19 -10.48
CA THR A 403 -1.85 -7.29 -10.38
C THR A 403 -0.84 -8.38 -10.35
C THR A 403 -0.96 -8.51 -10.65
N ASN A 404 0.32 -8.28 -11.00
CA ASN A 404 1.30 -9.37 -11.15
C ASN A 404 2.67 -8.88 -10.61
N GLY A 405 3.35 -9.76 -9.90
CA GLY A 405 4.74 -9.55 -9.45
C GLY A 405 5.56 -10.79 -9.66
N THR A 406 6.83 -10.59 -10.01
CA THR A 406 7.77 -11.70 -10.11
C THR A 406 9.09 -11.24 -9.49
N LEU A 407 9.64 -12.05 -8.63
CA LEU A 407 11.02 -11.84 -8.08
C LEU A 407 11.96 -12.90 -8.61
N VAL A 408 13.19 -12.50 -8.93
CA VAL A 408 14.26 -13.38 -9.44
C VAL A 408 15.42 -13.30 -8.47
N PHE A 409 15.73 -14.45 -7.89
CA PHE A 409 16.83 -14.64 -6.92
C PHE A 409 17.88 -15.54 -7.58
N ARG A 410 19.14 -15.38 -7.19
CA ARG A 410 20.18 -16.36 -7.61
C ARG A 410 21.21 -16.49 -6.51
N ARG A 411 21.96 -17.58 -6.57
CA ARG A 411 23.05 -17.87 -5.61
C ARG A 411 24.07 -16.74 -5.69
N PHE A 412 24.61 -16.37 -4.53
CA PHE A 412 25.71 -15.38 -4.43
C PHE A 412 26.97 -16.11 -3.97
N ALA A 413 28.12 -15.86 -4.63
CA ALA A 413 29.44 -16.46 -4.31
C ALA A 413 30.36 -15.43 -3.66
N SER B 2 21.85 8.38 -14.03
CA SER B 2 21.10 9.49 -14.69
C SER B 2 19.60 9.17 -14.76
N ARG B 3 18.76 10.20 -14.68
CA ARG B 3 17.32 10.11 -14.37
C ARG B 3 16.51 10.86 -15.42
N ARG B 4 15.34 10.37 -15.81
CA ARG B 4 14.46 11.15 -16.71
C ARG B 4 13.65 12.19 -15.92
N ARG B 5 13.19 13.22 -16.61
CA ARG B 5 12.41 14.29 -15.99
C ARG B 5 10.93 13.89 -16.05
N VAL B 6 10.19 14.29 -15.03
CA VAL B 6 8.74 13.98 -14.86
C VAL B 6 7.92 15.26 -14.77
N VAL B 7 6.88 15.35 -15.58
CA VAL B 7 5.97 16.52 -15.59
C VAL B 7 4.55 16.04 -15.33
N ILE B 8 3.69 16.98 -14.95
CA ILE B 8 2.26 16.74 -14.69
C ILE B 8 1.48 17.22 -15.91
N THR B 9 0.69 16.36 -16.56
CA THR B 9 -0.01 16.75 -17.80
C THR B 9 -1.52 16.62 -17.64
N GLY B 10 -1.98 16.09 -16.51
CA GLY B 10 -3.42 15.88 -16.28
C GLY B 10 -3.72 15.88 -14.78
N MET B 11 -4.83 16.47 -14.37
CA MET B 11 -5.25 16.44 -12.96
C MET B 11 -6.76 16.20 -12.87
N GLY B 12 -7.19 15.57 -11.78
CA GLY B 12 -8.59 15.20 -11.52
C GLY B 12 -8.87 15.21 -10.04
N MET B 13 -10.09 15.51 -9.64
CA MET B 13 -10.36 15.69 -8.20
C MET B 13 -11.85 15.56 -7.89
N LEU B 14 -12.15 15.01 -6.71
CA LEU B 14 -13.41 15.22 -5.96
C LEU B 14 -13.01 15.76 -4.60
N SER B 15 -13.61 16.85 -4.16
CA SER B 15 -13.26 17.38 -2.83
C SER B 15 -14.54 17.92 -2.22
N PRO B 16 -14.48 18.30 -0.93
CA PRO B 16 -15.59 18.99 -0.30
C PRO B 16 -15.88 20.36 -0.93
N LEU B 17 -14.99 20.89 -1.77
CA LEU B 17 -15.21 22.20 -2.43
C LEU B 17 -15.80 22.02 -3.83
N GLY B 18 -15.77 20.81 -4.41
CA GLY B 18 -16.18 20.72 -5.81
C GLY B 18 -15.97 19.36 -6.42
N LEU B 19 -16.58 19.14 -7.57
CA LEU B 19 -16.60 17.81 -8.23
C LEU B 19 -15.53 17.76 -9.33
N ASP B 20 -14.65 18.76 -9.39
CA ASP B 20 -13.50 18.73 -10.33
C ASP B 20 -12.43 19.68 -9.80
N VAL B 21 -11.34 19.79 -10.53
CA VAL B 21 -10.20 20.64 -10.09
C VAL B 21 -10.60 22.12 -10.14
N PRO B 22 -11.10 22.65 -11.26
CA PRO B 22 -11.30 24.10 -11.34
C PRO B 22 -12.34 24.59 -10.33
N SER B 23 -13.41 23.84 -10.10
CA SER B 23 -14.40 24.22 -9.05
C SER B 23 -13.73 24.21 -7.67
N SER B 24 -12.99 23.14 -7.34
CA SER B 24 -12.31 22.99 -6.03
C SER B 24 -11.36 24.18 -5.84
N TRP B 25 -10.55 24.48 -6.87
CA TRP B 25 -9.51 25.54 -6.82
C TRP B 25 -10.13 26.91 -6.65
N GLU B 26 -11.27 27.14 -7.30
CA GLU B 26 -12.01 28.42 -7.16
C GLU B 26 -12.38 28.59 -5.69
N GLY B 27 -12.84 27.52 -5.03
CA GLY B 27 -13.20 27.56 -3.60
C GLY B 27 -11.99 27.89 -2.75
N ILE B 28 -10.86 27.28 -3.06
CA ILE B 28 -9.56 27.44 -2.34
C ILE B 28 -9.13 28.90 -2.38
N LEU B 29 -9.13 29.51 -3.54
CA LEU B 29 -8.65 30.91 -3.68
C LEU B 29 -9.66 31.90 -3.09
N ALA B 30 -10.95 31.52 -2.98
CA ALA B 30 -11.99 32.34 -2.31
C ALA B 30 -12.06 32.11 -0.80
N GLY B 31 -11.28 31.21 -0.22
CA GLY B 31 -11.30 30.93 1.23
C GLY B 31 -12.59 30.26 1.68
N ARG B 32 -13.25 29.54 0.78
CA ARG B 32 -14.53 28.87 1.11
C ARG B 32 -14.22 27.58 1.89
N SER B 33 -15.05 27.26 2.86
CA SER B 33 -15.07 25.97 3.59
C SER B 33 -16.01 24.98 2.89
N GLY B 34 -15.60 23.72 2.83
CA GLY B 34 -16.46 22.61 2.37
C GLY B 34 -17.00 21.82 3.54
N ILE B 35 -16.87 22.35 4.78
CA ILE B 35 -17.19 21.58 6.01
C ILE B 35 -18.64 21.88 6.45
N ALA B 36 -19.39 20.83 6.77
CA ALA B 36 -20.81 20.96 7.15
C ALA B 36 -21.21 19.75 7.99
N PRO B 37 -22.35 19.82 8.73
CA PRO B 37 -22.87 18.65 9.41
C PRO B 37 -23.10 17.56 8.36
N ILE B 38 -22.79 16.33 8.75
CA ILE B 38 -22.92 15.15 7.87
C ILE B 38 -24.39 14.77 7.78
N GLU B 39 -24.91 14.57 6.57
CA GLU B 39 -26.34 14.27 6.35
C GLU B 39 -26.57 12.77 6.13
N HIS B 40 -27.83 12.34 6.27
CA HIS B 40 -28.32 10.97 5.93
C HIS B 40 -27.50 9.98 6.76
N MET B 41 -27.38 10.27 8.06
CA MET B 41 -26.59 9.47 9.01
C MET B 41 -26.82 10.01 10.42
N ASP B 42 -27.22 9.15 11.36
CA ASP B 42 -27.57 9.58 12.74
C ASP B 42 -26.28 9.60 13.55
N LEU B 43 -25.72 10.79 13.74
CA LEU B 43 -24.46 10.96 14.49
C LEU B 43 -24.78 11.48 15.90
N SER B 44 -26.01 11.31 16.41
CA SER B 44 -26.41 11.78 17.76
C SER B 44 -25.41 11.31 18.81
N ALA B 45 -25.01 10.04 18.78
CA ALA B 45 -24.19 9.44 19.86
C ALA B 45 -22.70 9.75 19.70
N TYR B 46 -22.31 10.47 18.66
CA TYR B 46 -20.89 10.78 18.29
C TYR B 46 -20.49 12.17 18.82
N SER B 47 -19.22 12.38 19.16
CA SER B 47 -18.74 13.70 19.67
C SER B 47 -18.45 14.67 18.51
N THR B 48 -18.38 14.18 17.28
CA THR B 48 -18.23 15.00 16.06
C THR B 48 -19.36 14.65 15.09
N ARG B 49 -20.04 15.67 14.53
CA ARG B 49 -21.26 15.49 13.71
C ARG B 49 -21.08 16.14 12.32
N PHE B 50 -19.86 16.55 12.00
CA PHE B 50 -19.56 17.33 10.79
C PHE B 50 -18.28 16.78 10.13
N GLY B 51 -18.07 17.21 8.90
CA GLY B 51 -16.85 16.92 8.12
C GLY B 51 -16.97 17.46 6.71
N GLY B 52 -16.03 17.06 5.85
CA GLY B 52 -16.00 17.44 4.44
C GLY B 52 -16.56 16.33 3.57
N SER B 53 -17.82 16.42 3.19
CA SER B 53 -18.49 15.46 2.30
C SER B 53 -18.31 15.88 0.85
N VAL B 54 -18.25 14.92 -0.07
CA VAL B 54 -18.39 15.22 -1.52
C VAL B 54 -19.89 15.42 -1.77
N LYS B 55 -20.29 16.54 -2.33
CA LYS B 55 -21.70 16.93 -2.55
C LYS B 55 -22.12 16.76 -4.01
N GLY B 56 -23.14 15.93 -4.24
CA GLY B 56 -23.79 15.74 -5.54
C GLY B 56 -22.97 14.91 -6.53
N PHE B 57 -22.06 14.07 -6.05
CA PHE B 57 -21.28 13.15 -6.92
C PHE B 57 -22.26 12.24 -7.67
N ASN B 58 -22.10 12.16 -8.97
CA ASN B 58 -22.93 11.31 -9.84
C ASN B 58 -22.01 10.26 -10.48
N VAL B 59 -21.93 9.06 -9.87
CA VAL B 59 -21.07 7.96 -10.35
C VAL B 59 -21.46 7.55 -11.78
N GLU B 60 -22.72 7.71 -12.18
CA GLU B 60 -23.15 7.25 -13.54
C GLU B 60 -22.55 8.12 -14.66
N GLU B 61 -21.89 9.24 -14.35
CA GLU B 61 -21.04 9.93 -15.36
C GLU B 61 -19.81 9.06 -15.72
N TYR B 62 -19.43 8.12 -14.86
CA TYR B 62 -18.18 7.33 -14.98
C TYR B 62 -18.49 5.86 -15.24
N LEU B 63 -19.43 5.29 -14.49
CA LEU B 63 -19.72 3.85 -14.48
C LEU B 63 -21.20 3.58 -14.72
N SER B 64 -21.50 2.37 -15.20
CA SER B 64 -22.90 1.89 -15.20
C SER B 64 -23.36 1.77 -13.73
N ALA B 65 -24.66 1.86 -13.45
CA ALA B 65 -25.19 1.67 -12.08
C ALA B 65 -24.73 0.30 -11.57
N LYS B 66 -24.73 -0.68 -12.44
CA LYS B 66 -24.41 -2.07 -12.03
C LYS B 66 -22.95 -2.19 -11.59
N GLU B 67 -22.00 -1.63 -12.35
N GLU B 67 -22.03 -1.66 -12.42
CA GLU B 67 -20.57 -1.68 -11.97
CA GLU B 67 -20.57 -1.49 -12.14
C GLU B 67 -20.36 -0.83 -10.70
C GLU B 67 -20.41 -0.85 -10.75
N ALA B 68 -21.08 0.29 -10.55
CA ALA B 68 -20.97 1.15 -9.36
C ALA B 68 -21.44 0.39 -8.11
N ARG B 69 -22.48 -0.45 -8.21
CA ARG B 69 -23.01 -1.20 -7.02
C ARG B 69 -21.94 -2.15 -6.49
N LYS B 70 -20.91 -2.46 -7.26
CA LYS B 70 -19.89 -3.46 -6.85
C LYS B 70 -18.78 -2.76 -6.04
N LEU B 71 -18.73 -1.42 -6.04
CA LEU B 71 -17.52 -0.69 -5.60
C LEU B 71 -17.84 0.24 -4.42
N ASP B 72 -17.01 0.17 -3.41
CA ASP B 72 -17.08 1.14 -2.28
C ASP B 72 -17.01 2.55 -2.85
N LEU B 73 -17.62 3.50 -2.15
CA LEU B 73 -17.48 4.94 -2.48
C LEU B 73 -15.99 5.33 -2.68
N PHE B 74 -15.05 4.85 -1.87
CA PHE B 74 -13.65 5.36 -2.00
C PHE B 74 -13.14 4.96 -3.38
N ILE B 75 -13.56 3.80 -3.89
CA ILE B 75 -13.16 3.36 -5.26
C ILE B 75 -13.85 4.23 -6.31
N GLN B 76 -15.15 4.47 -6.15
CA GLN B 76 -15.89 5.37 -7.06
C GLN B 76 -15.13 6.70 -7.13
N TYR B 77 -14.75 7.27 -5.99
CA TYR B 77 -14.13 8.61 -5.96
C TYR B 77 -12.77 8.55 -6.66
N GLY B 78 -12.00 7.50 -6.39
CA GLY B 78 -10.68 7.35 -7.00
C GLY B 78 -10.79 7.23 -8.51
N LEU B 79 -11.76 6.46 -8.99
CA LEU B 79 -11.95 6.28 -10.44
C LEU B 79 -12.39 7.60 -11.06
N ALA B 80 -13.31 8.33 -10.43
CA ALA B 80 -13.74 9.66 -10.94
C ALA B 80 -12.51 10.57 -11.13
N ALA B 81 -11.65 10.72 -10.12
CA ALA B 81 -10.47 11.60 -10.21
C ALA B 81 -9.56 11.07 -11.32
N SER B 82 -9.37 9.75 -11.39
CA SER B 82 -8.44 9.12 -12.36
C SER B 82 -8.94 9.35 -13.80
N PHE B 83 -10.23 9.13 -14.04
CA PHE B 83 -10.81 9.35 -15.40
C PHE B 83 -10.70 10.83 -15.76
N GLN B 84 -10.94 11.73 -14.79
CA GLN B 84 -10.80 13.18 -15.05
C GLN B 84 -9.37 13.50 -15.47
N ALA B 85 -8.41 12.99 -14.72
CA ALA B 85 -6.98 13.26 -14.91
C ALA B 85 -6.54 12.78 -16.31
N VAL B 86 -6.95 11.58 -16.68
CA VAL B 86 -6.55 11.01 -17.99
C VAL B 86 -7.20 11.82 -19.12
N ARG B 87 -8.51 12.17 -19.01
CA ARG B 87 -9.18 13.10 -19.96
C ARG B 87 -8.39 14.42 -20.05
N ASP B 88 -8.03 15.03 -18.93
CA ASP B 88 -7.37 16.34 -18.86
C ASP B 88 -6.00 16.24 -19.54
N SER B 89 -5.38 15.06 -19.53
CA SER B 89 -4.03 14.87 -20.09
C SER B 89 -4.06 14.81 -21.62
N GLY B 90 -5.20 14.41 -22.19
CA GLY B 90 -5.29 14.24 -23.64
C GLY B 90 -4.62 12.94 -24.10
N LEU B 91 -4.12 12.10 -23.20
CA LEU B 91 -3.33 10.91 -23.58
C LEU B 91 -4.20 9.90 -24.34
N GLU B 92 -3.66 9.39 -25.44
CA GLU B 92 -4.27 8.28 -26.22
C GLU B 92 -3.50 7.00 -25.88
N VAL B 93 -4.18 6.06 -25.26
CA VAL B 93 -3.65 4.72 -24.94
C VAL B 93 -3.77 3.87 -26.21
N THR B 94 -2.67 3.23 -26.60
CA THR B 94 -2.57 2.40 -27.82
C THR B 94 -1.89 1.07 -27.50
N ASP B 95 -1.95 0.14 -28.43
CA ASP B 95 -1.17 -1.10 -28.30
C ASP B 95 0.32 -0.78 -28.19
N ALA B 96 0.80 0.32 -28.79
CA ALA B 96 2.24 0.68 -28.84
C ALA B 96 2.67 1.26 -27.48
N ASN B 97 1.77 1.74 -26.62
CA ASN B 97 2.24 2.37 -25.36
C ASN B 97 1.60 1.77 -24.11
N ARG B 98 0.64 0.85 -24.22
CA ARG B 98 -0.15 0.47 -23.02
C ARG B 98 0.72 -0.27 -21.99
N GLU B 99 1.83 -0.89 -22.38
CA GLU B 99 2.75 -1.58 -21.43
C GLU B 99 3.57 -0.51 -20.69
N ARG B 100 3.50 0.76 -21.09
CA ARG B 100 4.32 1.83 -20.50
C ARG B 100 3.47 2.77 -19.65
N ILE B 101 2.20 2.43 -19.45
CA ILE B 101 1.27 3.28 -18.67
C ILE B 101 0.77 2.46 -17.48
N GLY B 102 1.02 2.97 -16.27
CA GLY B 102 0.62 2.26 -15.05
C GLY B 102 -0.20 3.13 -14.15
N VAL B 103 -0.49 2.58 -12.97
N VAL B 103 -0.45 2.64 -12.95
CA VAL B 103 -1.41 3.19 -11.97
CA VAL B 103 -1.37 3.33 -12.01
C VAL B 103 -0.87 2.94 -10.56
C VAL B 103 -1.03 2.94 -10.57
N SER B 104 -0.93 3.98 -9.73
CA SER B 104 -0.70 3.87 -8.29
C SER B 104 -1.62 4.86 -7.62
N MET B 105 -2.85 4.41 -7.38
CA MET B 105 -3.87 5.13 -6.62
C MET B 105 -4.06 4.42 -5.27
N GLY B 106 -3.92 5.18 -4.21
CA GLY B 106 -3.90 4.59 -2.87
C GLY B 106 -5.08 5.05 -2.02
N SER B 107 -5.11 4.53 -0.82
CA SER B 107 -6.08 4.94 0.23
C SER B 107 -5.47 4.65 1.61
N GLY B 108 -5.80 5.48 2.60
CA GLY B 108 -5.38 5.24 3.99
C GLY B 108 -6.18 4.11 4.62
N ILE B 109 -7.51 4.11 4.41
CA ILE B 109 -8.47 3.20 5.12
C ILE B 109 -9.24 2.28 4.18
N GLY B 110 -9.49 2.68 2.95
CA GLY B 110 -10.23 1.91 1.94
C GLY B 110 -11.68 1.78 2.37
N GLY B 111 -12.27 0.60 2.20
CA GLY B 111 -13.72 0.46 2.04
C GLY B 111 -14.46 0.38 3.38
N LEU B 112 -14.36 1.38 4.25
CA LEU B 112 -15.03 1.34 5.59
C LEU B 112 -16.55 1.25 5.46
N THR B 113 -17.17 1.96 4.52
CA THR B 113 -18.63 2.00 4.32
C THR B 113 -19.11 0.59 3.99
N ASN B 114 -18.45 -0.05 3.01
N ASN B 114 -18.40 -0.09 3.07
CA ASN B 114 -18.75 -1.45 2.60
CA ASN B 114 -18.78 -1.44 2.62
C ASN B 114 -18.55 -2.38 3.79
C ASN B 114 -18.49 -2.47 3.71
N ILE B 115 -17.42 -2.28 4.50
CA ILE B 115 -17.12 -3.14 5.68
C ILE B 115 -18.27 -2.99 6.68
N GLU B 116 -18.67 -1.77 6.95
CA GLU B 116 -19.74 -1.46 7.92
C GLU B 116 -21.02 -2.15 7.46
N ASN B 117 -21.38 -2.03 6.18
CA ASN B 117 -22.69 -2.52 5.68
C ASN B 117 -22.66 -4.05 5.64
N ASN B 118 -21.50 -4.65 5.32
CA ASN B 118 -21.37 -6.12 5.30
C ASN B 118 -21.31 -6.69 6.73
N CYS B 119 -20.70 -5.99 7.69
CA CYS B 119 -20.80 -6.32 9.14
C CYS B 119 -22.24 -6.40 9.60
N ARG B 120 -23.02 -5.35 9.30
CA ARG B 120 -24.47 -5.26 9.61
C ARG B 120 -25.13 -6.57 9.18
N SER B 121 -24.98 -6.97 7.90
CA SER B 121 -25.55 -8.22 7.31
C SER B 121 -25.04 -9.45 8.07
N LEU B 122 -23.74 -9.50 8.35
CA LEU B 122 -23.11 -10.67 9.04
C LEU B 122 -23.69 -10.83 10.46
N PHE B 123 -23.71 -9.77 11.25
CA PHE B 123 -24.20 -9.80 12.66
C PHE B 123 -25.69 -10.10 12.71
N GLU B 124 -26.49 -9.50 11.82
CA GLU B 124 -27.97 -9.61 11.83
C GLU B 124 -28.45 -10.96 11.27
N GLN B 125 -27.91 -11.36 10.11
N GLN B 125 -27.93 -11.39 10.11
CA GLN B 125 -28.42 -12.47 9.26
CA GLN B 125 -28.46 -12.60 9.41
C GLN B 125 -27.39 -13.61 9.11
C GLN B 125 -27.34 -13.53 8.91
N GLY B 126 -26.11 -13.39 9.41
CA GLY B 126 -25.03 -14.38 9.20
C GLY B 126 -24.33 -14.25 7.84
N PRO B 127 -23.27 -15.06 7.59
CA PRO B 127 -22.38 -14.86 6.45
C PRO B 127 -23.05 -14.96 5.06
N ARG B 128 -24.23 -15.57 4.96
CA ARG B 128 -24.83 -15.86 3.64
C ARG B 128 -25.39 -14.55 3.08
N ARG B 129 -25.52 -13.50 3.89
CA ARG B 129 -25.92 -12.18 3.35
C ARG B 129 -24.71 -11.30 3.02
N ILE B 130 -23.47 -11.78 3.14
CA ILE B 130 -22.27 -10.99 2.73
C ILE B 130 -22.26 -10.94 1.19
N SER B 131 -22.07 -9.76 0.62
CA SER B 131 -22.04 -9.57 -0.84
C SER B 131 -20.87 -10.32 -1.45
N PRO B 132 -21.09 -11.01 -2.59
CA PRO B 132 -20.03 -11.65 -3.35
C PRO B 132 -18.90 -10.69 -3.77
N PHE B 133 -19.22 -9.41 -3.90
CA PHE B 133 -18.27 -8.38 -4.36
C PHE B 133 -17.64 -7.70 -3.15
N PHE B 134 -17.97 -8.13 -1.94
CA PHE B 134 -17.42 -7.52 -0.71
C PHE B 134 -15.89 -7.33 -0.83
N VAL B 135 -15.14 -8.39 -1.11
CA VAL B 135 -13.65 -8.28 -1.06
C VAL B 135 -13.16 -7.44 -2.24
N PRO B 136 -13.44 -7.78 -3.52
CA PRO B 136 -12.85 -6.99 -4.60
C PRO B 136 -13.45 -5.58 -4.68
N GLY B 137 -14.63 -5.35 -4.07
CA GLY B 137 -15.27 -4.03 -4.07
C GLY B 137 -14.82 -3.17 -2.90
N SER B 138 -13.92 -3.66 -2.05
CA SER B 138 -13.54 -2.93 -0.80
C SER B 138 -12.03 -2.74 -0.66
N ILE B 139 -11.23 -3.55 -1.31
CA ILE B 139 -9.77 -3.55 -1.04
C ILE B 139 -9.12 -2.41 -1.81
N ILE B 140 -8.02 -1.94 -1.22
CA ILE B 140 -7.49 -0.59 -1.57
C ILE B 140 -6.92 -0.60 -3.00
N ASN B 141 -6.44 -1.74 -3.50
CA ASN B 141 -5.79 -1.73 -4.84
C ASN B 141 -6.83 -1.74 -5.96
N MET B 142 -8.13 -1.68 -5.66
CA MET B 142 -9.11 -1.83 -6.75
C MET B 142 -9.32 -0.55 -7.57
N VAL B 143 -8.90 0.61 -7.11
CA VAL B 143 -8.88 1.81 -7.99
C VAL B 143 -7.85 1.54 -9.10
N SER B 144 -6.61 1.18 -8.73
CA SER B 144 -5.57 0.83 -9.72
C SER B 144 -6.08 -0.31 -10.62
N GLY B 145 -6.66 -1.35 -10.02
CA GLY B 145 -7.21 -2.49 -10.76
C GLY B 145 -8.26 -2.05 -11.74
N PHE B 146 -9.34 -1.37 -11.31
CA PHE B 146 -10.50 -1.09 -12.18
C PHE B 146 -10.03 -0.13 -13.28
N LEU B 147 -9.17 0.83 -12.91
CA LEU B 147 -8.69 1.82 -13.89
C LEU B 147 -7.89 1.11 -14.97
N SER B 148 -6.93 0.26 -14.59
N SER B 148 -6.94 0.26 -14.57
CA SER B 148 -6.10 -0.50 -15.56
CA SER B 148 -6.09 -0.55 -15.49
C SER B 148 -7.02 -1.30 -16.49
C SER B 148 -6.98 -1.35 -16.46
N ILE B 149 -8.04 -1.99 -15.94
CA ILE B 149 -8.94 -2.83 -16.77
C ILE B 149 -9.72 -1.95 -17.74
N HIS B 150 -10.28 -0.86 -17.26
CA HIS B 150 -11.13 0.03 -18.07
C HIS B 150 -10.33 0.68 -19.22
N LEU B 151 -9.10 1.14 -18.96
CA LEU B 151 -8.30 1.92 -19.96
C LEU B 151 -7.29 1.03 -20.66
N GLY B 152 -7.15 -0.24 -20.26
CA GLY B 152 -6.20 -1.18 -20.86
C GLY B 152 -4.76 -0.86 -20.49
N LEU B 153 -4.52 -0.46 -19.25
CA LEU B 153 -3.16 -0.09 -18.79
C LEU B 153 -2.44 -1.35 -18.32
N GLN B 154 -1.22 -1.57 -18.84
CA GLN B 154 -0.47 -2.83 -18.60
C GLN B 154 0.85 -2.53 -17.90
N GLY B 155 1.09 -1.26 -17.58
CA GLY B 155 2.30 -0.84 -16.84
C GLY B 155 2.19 -1.23 -15.37
N PRO B 156 3.14 -0.74 -14.55
CA PRO B 156 3.17 -1.06 -13.13
C PRO B 156 1.80 -0.76 -12.54
N ASN B 157 1.25 -1.74 -11.81
N ASN B 157 1.28 -1.71 -11.76
CA ASN B 157 -0.09 -1.64 -11.18
CA ASN B 157 -0.09 -1.63 -11.19
C ASN B 157 0.04 -1.96 -9.70
C ASN B 157 -0.01 -1.97 -9.70
N TYR B 158 -0.13 -0.94 -8.86
CA TYR B 158 0.04 -1.10 -7.41
C TYR B 158 -0.76 -0.04 -6.68
N ALA B 159 -0.75 -0.17 -5.36
CA ALA B 159 -1.46 0.75 -4.46
C ALA B 159 -0.63 0.88 -3.17
N LEU B 160 -0.45 2.13 -2.74
CA LEU B 160 0.18 2.43 -1.43
C LEU B 160 -0.93 2.60 -0.40
N THR B 161 -0.61 2.34 0.86
CA THR B 161 -1.47 2.68 2.00
C THR B 161 -0.51 3.11 3.11
N THR B 162 -0.32 4.42 3.25
CA THR B 162 0.55 5.03 4.28
C THR B 162 -0.27 6.09 5.01
N ALA B 163 -1.48 5.70 5.39
CA ALA B 163 -2.35 6.53 6.21
C ALA B 163 -2.47 7.90 5.58
N GLN B 164 -2.27 8.96 6.36
CA GLN B 164 -2.45 10.35 5.88
C GLN B 164 -1.33 10.75 4.89
N THR B 165 -0.36 9.89 4.60
CA THR B 165 0.80 10.19 3.72
C THR B 165 0.54 9.56 2.34
N THR B 166 -0.53 8.79 2.22
CA THR B 166 -0.74 7.91 1.04
C THR B 166 -0.62 8.69 -0.27
N GLY B 167 -1.37 9.78 -0.43
CA GLY B 167 -1.44 10.49 -1.72
C GLY B 167 -0.07 11.03 -2.14
N THR B 168 0.71 11.52 -1.18
CA THR B 168 2.08 12.05 -1.45
C THR B 168 3.02 10.92 -1.86
N HIS B 169 3.01 9.81 -1.13
CA HIS B 169 3.89 8.67 -1.45
C HIS B 169 3.52 8.11 -2.82
N SER B 170 2.23 8.05 -3.10
CA SER B 170 1.72 7.42 -4.35
C SER B 170 2.31 8.21 -5.52
N ILE B 171 2.20 9.51 -5.44
CA ILE B 171 2.69 10.41 -6.51
C ILE B 171 4.22 10.33 -6.60
N GLY B 172 4.89 10.36 -5.47
CA GLY B 172 6.36 10.32 -5.48
C GLY B 172 6.91 9.05 -6.07
N MET B 173 6.37 7.90 -5.67
N MET B 173 6.37 7.90 -5.67
CA MET B 173 6.86 6.58 -6.12
CA MET B 173 6.86 6.59 -6.12
C MET B 173 6.47 6.34 -7.58
C MET B 173 6.49 6.37 -7.59
N ALA B 174 5.33 6.86 -8.03
CA ALA B 174 4.96 6.83 -9.46
C ALA B 174 6.00 7.65 -10.26
N ALA B 175 6.41 8.80 -9.73
CA ALA B 175 7.44 9.67 -10.37
C ALA B 175 8.73 8.89 -10.50
N ARG B 176 9.14 8.14 -9.45
CA ARG B 176 10.36 7.29 -9.51
C ARG B 176 10.22 6.25 -10.62
N ASN B 177 9.04 5.64 -10.76
CA ASN B 177 8.82 4.61 -11.79
C ASN B 177 9.19 5.23 -13.14
N ILE B 178 8.75 6.46 -13.39
CA ILE B 178 8.98 7.07 -14.74
C ILE B 178 10.45 7.51 -14.82
N ALA B 179 10.95 8.15 -13.78
CA ALA B 179 12.34 8.71 -13.75
C ALA B 179 13.35 7.60 -14.05
N TYR B 180 13.12 6.39 -13.57
CA TYR B 180 14.06 5.25 -13.68
C TYR B 180 13.64 4.31 -14.81
N GLY B 181 12.74 4.74 -15.68
CA GLY B 181 12.45 4.09 -16.96
C GLY B 181 11.55 2.87 -16.86
N GLU B 182 10.85 2.65 -15.73
CA GLU B 182 9.96 1.47 -15.54
C GLU B 182 8.58 1.78 -16.14
N ALA B 183 8.29 3.03 -16.46
CA ALA B 183 7.05 3.47 -17.13
C ALA B 183 7.29 4.82 -17.80
N ASP B 184 6.46 5.17 -18.79
CA ASP B 184 6.48 6.52 -19.37
C ASP B 184 5.37 7.40 -18.80
N VAL B 185 4.27 6.79 -18.35
CA VAL B 185 3.08 7.51 -17.82
C VAL B 185 2.61 6.74 -16.60
N MET B 186 2.24 7.45 -15.54
CA MET B 186 1.55 6.85 -14.37
C MET B 186 0.37 7.75 -13.98
N VAL B 187 -0.74 7.13 -13.61
CA VAL B 187 -1.87 7.83 -12.95
C VAL B 187 -1.68 7.61 -11.45
N ALA B 188 -1.55 8.67 -10.65
CA ALA B 188 -1.13 8.50 -9.25
C ALA B 188 -1.89 9.46 -8.34
N GLY B 189 -2.10 9.05 -7.10
CA GLY B 189 -2.86 9.87 -6.16
C GLY B 189 -3.54 8.98 -5.16
N GLY B 190 -4.72 9.38 -4.71
CA GLY B 190 -5.39 8.66 -3.63
C GLY B 190 -6.85 9.05 -3.51
N SER B 191 -7.59 8.26 -2.74
CA SER B 191 -9.02 8.49 -2.52
C SER B 191 -9.40 7.96 -1.14
N GLU B 192 -10.46 8.52 -0.58
CA GLU B 192 -10.84 8.20 0.81
C GLU B 192 -12.32 8.52 1.00
N MET B 193 -13.03 7.64 1.69
N MET B 193 -13.01 7.62 1.68
CA MET B 193 -14.41 7.89 2.18
CA MET B 193 -14.41 7.77 2.15
C MET B 193 -14.55 7.12 3.49
C MET B 193 -14.52 7.08 3.51
N ALA B 194 -14.17 7.80 4.58
CA ALA B 194 -14.13 7.23 5.94
C ALA B 194 -15.24 7.86 6.80
N ALA B 195 -16.21 8.59 6.22
CA ALA B 195 -17.36 9.15 6.98
C ALA B 195 -18.41 8.06 7.16
N CYS B 196 -18.14 7.11 8.01
CA CYS B 196 -19.17 6.19 8.51
C CYS B 196 -18.95 6.16 10.01
N GLY B 197 -19.76 5.35 10.70
CA GLY B 197 -19.65 5.20 12.16
C GLY B 197 -18.24 4.86 12.53
N LEU B 198 -17.66 3.90 11.81
CA LEU B 198 -16.32 3.38 12.09
C LEU B 198 -15.28 4.49 11.97
N GLY B 199 -15.37 5.37 10.97
CA GLY B 199 -14.36 6.43 10.77
C GLY B 199 -14.54 7.53 11.80
N LEU B 200 -15.73 8.11 11.85
CA LEU B 200 -16.04 9.17 12.84
C LEU B 200 -15.88 8.62 14.25
N GLY B 201 -16.36 7.41 14.49
CA GLY B 201 -16.22 6.68 15.75
C GLY B 201 -14.79 6.31 16.10
N GLY B 202 -14.02 5.77 15.13
CA GLY B 202 -12.61 5.39 15.37
C GLY B 202 -11.73 6.58 15.69
N PHE B 203 -11.76 7.65 14.89
CA PHE B 203 -10.98 8.88 15.16
C PHE B 203 -11.51 9.55 16.43
N GLY B 204 -12.81 9.50 16.64
CA GLY B 204 -13.47 10.14 17.80
C GLY B 204 -13.03 9.48 19.09
N ALA B 205 -12.91 8.15 19.12
CA ALA B 205 -12.50 7.36 20.29
C ALA B 205 -11.08 7.75 20.72
N ALA B 206 -10.23 8.15 19.76
CA ALA B 206 -8.85 8.64 20.03
C ALA B 206 -8.88 10.15 20.38
N ARG B 207 -10.06 10.78 20.38
CA ARG B 207 -10.30 12.25 20.59
C ARG B 207 -9.39 13.05 19.66
N ALA B 208 -9.22 12.59 18.43
CA ALA B 208 -8.33 13.20 17.42
C ALA B 208 -9.08 14.27 16.63
N LEU B 209 -10.40 14.20 16.60
CA LEU B 209 -11.26 15.12 15.81
C LEU B 209 -11.60 16.40 16.59
N SER B 210 -11.68 17.52 15.90
CA SER B 210 -12.41 18.72 16.34
C SER B 210 -13.86 18.33 16.69
N THR B 211 -14.35 18.82 17.83
CA THR B 211 -15.74 18.65 18.29
C THR B 211 -16.49 19.99 18.25
N ARG B 212 -16.04 20.95 17.43
CA ARG B 212 -16.66 22.29 17.27
C ARG B 212 -17.93 22.15 16.40
N ASN B 213 -18.91 21.42 16.92
CA ASN B 213 -20.17 21.04 16.25
C ASN B 213 -20.98 22.29 15.94
N ASP B 214 -20.88 23.32 16.77
CA ASP B 214 -21.71 24.53 16.64
C ASP B 214 -21.23 25.34 15.43
N GLU B 215 -19.95 25.25 15.04
CA GLU B 215 -19.39 26.10 13.95
C GLU B 215 -18.46 25.27 13.07
N PRO B 216 -19.02 24.34 12.26
CA PRO B 216 -18.18 23.41 11.50
C PRO B 216 -17.17 24.08 10.57
N THR B 217 -17.50 25.25 10.01
CA THR B 217 -16.61 25.94 9.03
C THR B 217 -15.42 26.54 9.76
N ARG B 218 -15.51 26.73 11.08
CA ARG B 218 -14.39 27.29 11.88
C ARG B 218 -13.61 26.18 12.58
N ALA B 219 -14.03 24.91 12.45
CA ALA B 219 -13.40 23.79 13.18
C ALA B 219 -11.94 23.67 12.75
N SER B 220 -11.69 23.64 11.43
CA SER B 220 -10.33 23.39 10.88
C SER B 220 -9.56 24.71 10.90
N ARG B 221 -8.64 24.89 11.85
CA ARG B 221 -8.00 26.21 12.09
C ARG B 221 -6.52 25.96 12.36
N PRO B 222 -5.73 25.51 11.36
CA PRO B 222 -4.33 25.16 11.56
C PRO B 222 -3.53 26.34 12.12
N TRP B 223 -2.73 26.04 13.14
CA TRP B 223 -1.85 26.99 13.87
C TRP B 223 -2.60 28.02 14.71
N ASP B 224 -3.93 27.95 14.77
CA ASP B 224 -4.73 28.87 15.61
C ASP B 224 -4.71 28.32 17.03
N ARG B 225 -4.64 29.19 18.03
CA ARG B 225 -4.46 28.74 19.43
C ARG B 225 -5.70 27.97 19.93
N ASP B 226 -6.84 28.08 19.26
CA ASP B 226 -8.11 27.41 19.69
C ASP B 226 -8.41 26.15 18.85
N ARG B 227 -7.48 25.67 18.05
CA ARG B 227 -7.67 24.40 17.30
C ARG B 227 -7.82 23.26 18.30
N ASP B 228 -8.55 22.21 17.91
CA ASP B 228 -8.89 21.09 18.83
C ASP B 228 -8.95 19.77 18.04
N GLY B 229 -8.20 19.68 16.94
CA GLY B 229 -8.05 18.43 16.20
C GLY B 229 -8.53 18.53 14.77
N PHE B 230 -8.36 17.47 14.00
CA PHE B 230 -8.61 17.56 12.53
C PHE B 230 -10.09 17.35 12.27
N VAL B 231 -10.43 17.68 11.04
CA VAL B 231 -11.78 17.52 10.44
C VAL B 231 -11.67 16.44 9.36
N LEU B 232 -12.56 15.46 9.43
CA LEU B 232 -12.53 14.30 8.52
C LEU B 232 -13.24 14.66 7.22
N SER B 233 -12.58 14.40 6.09
CA SER B 233 -13.11 14.78 4.78
C SER B 233 -12.89 13.64 3.77
N ASP B 234 -13.70 13.73 2.73
CA ASP B 234 -13.81 12.67 1.70
C ASP B 234 -13.36 13.25 0.37
N GLY B 235 -12.92 12.37 -0.52
CA GLY B 235 -12.73 12.73 -1.92
C GLY B 235 -11.51 12.05 -2.50
N SER B 236 -10.93 12.64 -3.53
CA SER B 236 -9.89 11.98 -4.34
C SER B 236 -9.09 13.00 -5.12
N GLY B 237 -7.84 12.64 -5.37
CA GLY B 237 -7.01 13.39 -6.34
C GLY B 237 -6.23 12.44 -7.18
N ALA B 238 -6.08 12.76 -8.47
CA ALA B 238 -5.30 11.94 -9.40
C ALA B 238 -4.53 12.89 -10.30
N LEU B 239 -3.29 12.53 -10.56
CA LEU B 239 -2.42 13.27 -11.48
C LEU B 239 -1.96 12.30 -12.56
N VAL B 240 -1.86 12.82 -13.78
CA VAL B 240 -1.11 12.14 -14.84
C VAL B 240 0.33 12.63 -14.80
N LEU B 241 1.22 11.73 -14.42
CA LEU B 241 2.69 11.98 -14.44
C LEU B 241 3.19 11.40 -15.75
N GLU B 242 4.14 12.08 -16.35
CA GLU B 242 4.57 11.72 -17.72
C GLU B 242 6.03 12.11 -17.90
N GLU B 243 6.79 11.22 -18.50
CA GLU B 243 8.18 11.50 -18.89
C GLU B 243 8.16 12.72 -19.81
N LEU B 244 9.10 13.64 -19.62
CA LEU B 244 9.14 14.95 -20.33
C LEU B 244 9.16 14.77 -21.85
N GLU B 245 10.09 14.01 -22.37
CA GLU B 245 10.24 13.86 -23.85
C GLU B 245 8.94 13.27 -24.42
N HIS B 246 8.33 12.31 -23.73
CA HIS B 246 7.03 11.72 -24.11
C HIS B 246 5.96 12.80 -24.17
N ALA B 247 5.88 13.68 -23.17
CA ALA B 247 4.91 14.79 -23.07
C ALA B 247 5.16 15.75 -24.23
N ARG B 248 6.41 16.11 -24.51
CA ARG B 248 6.72 17.11 -25.57
C ARG B 248 6.40 16.54 -26.94
N ALA B 249 6.67 15.26 -27.17
CA ALA B 249 6.50 14.62 -28.50
C ALA B 249 5.02 14.63 -28.93
N ARG B 250 4.08 14.54 -27.99
CA ARG B 250 2.65 14.52 -28.34
C ARG B 250 2.02 15.91 -28.19
N GLY B 251 2.78 16.92 -27.81
CA GLY B 251 2.28 18.30 -27.63
C GLY B 251 1.41 18.45 -26.40
N ALA B 252 1.71 17.70 -25.34
CA ALA B 252 0.94 17.79 -24.10
C ALA B 252 1.05 19.20 -23.50
N ARG B 253 -0.03 19.62 -22.84
CA ARG B 253 -0.04 20.80 -21.95
C ARG B 253 0.64 20.32 -20.67
N ILE B 254 1.72 20.97 -20.28
CA ILE B 254 2.47 20.63 -19.04
C ILE B 254 2.12 21.65 -17.97
N TYR B 255 1.58 21.21 -16.83
CA TYR B 255 1.25 22.14 -15.73
C TYR B 255 2.52 22.55 -14.96
N ALA B 256 3.44 21.64 -14.69
CA ALA B 256 4.57 21.84 -13.75
C ALA B 256 5.44 20.62 -13.86
N GLU B 257 6.65 20.72 -13.32
CA GLU B 257 7.59 19.60 -13.28
C GLU B 257 7.62 19.10 -11.83
N LEU B 258 7.69 17.79 -11.68
CA LEU B 258 7.92 17.18 -10.36
C LEU B 258 9.42 16.90 -10.26
N VAL B 259 10.14 17.69 -9.46
CA VAL B 259 11.63 17.67 -9.44
C VAL B 259 12.17 16.90 -8.22
N GLY B 260 11.37 16.74 -7.15
CA GLY B 260 11.88 16.12 -5.91
C GLY B 260 10.82 15.34 -5.14
N PHE B 261 11.26 14.27 -4.50
CA PHE B 261 10.44 13.44 -3.61
C PHE B 261 11.33 13.01 -2.44
N GLY B 262 10.82 13.24 -1.26
CA GLY B 262 11.43 12.79 -0.01
C GLY B 262 10.48 11.95 0.80
N MET B 263 11.08 11.01 1.52
CA MET B 263 10.46 10.09 2.48
C MET B 263 11.34 10.10 3.72
N SER B 264 10.71 9.97 4.84
CA SER B 264 11.46 9.64 6.08
C SER B 264 10.48 8.97 7.01
N GLY B 265 11.01 8.34 8.04
CA GLY B 265 10.25 7.91 9.22
C GLY B 265 10.72 8.68 10.42
N ASP B 266 9.77 9.18 11.22
CA ASP B 266 10.03 9.77 12.55
C ASP B 266 10.65 8.74 13.50
N ALA B 267 10.18 7.49 13.45
CA ALA B 267 10.52 6.43 14.44
C ALA B 267 10.25 6.96 15.85
N PHE B 268 9.11 7.60 16.05
CA PHE B 268 8.82 8.34 17.30
C PHE B 268 7.59 7.78 18.00
N HIS B 269 6.40 7.91 17.41
CA HIS B 269 5.11 7.56 18.08
C HIS B 269 4.08 7.12 17.03
N MET B 270 3.10 6.34 17.46
CA MET B 270 2.11 5.70 16.56
C MET B 270 1.26 6.77 15.90
N THR B 271 0.94 7.87 16.59
CA THR B 271 -0.01 8.88 16.06
C THR B 271 0.50 10.32 16.20
N ALA B 272 1.42 10.63 17.10
CA ALA B 272 1.90 12.01 17.34
C ALA B 272 3.27 12.20 16.72
N PRO B 273 3.56 13.39 16.13
CA PRO B 273 4.90 13.69 15.65
C PRO B 273 5.77 14.14 16.80
N PRO B 274 7.11 14.10 16.68
CA PRO B 274 7.96 14.70 17.70
C PRO B 274 7.74 16.21 17.71
N GLU B 275 7.89 16.87 18.86
CA GLU B 275 7.50 18.30 19.02
C GLU B 275 8.33 19.18 18.07
N ASP B 276 9.57 18.78 17.79
CA ASP B 276 10.52 19.56 16.97
C ASP B 276 10.40 19.17 15.49
N GLY B 277 9.51 18.25 15.12
CA GLY B 277 9.32 17.85 13.70
C GLY B 277 10.61 17.40 13.03
N ALA B 278 11.49 16.70 13.76
CA ALA B 278 12.80 16.25 13.23
C ALA B 278 12.56 15.37 11.98
N GLY B 279 11.53 14.54 12.00
CA GLY B 279 11.25 13.63 10.86
C GLY B 279 10.82 14.41 9.63
N ALA B 280 9.92 15.35 9.82
CA ALA B 280 9.43 16.25 8.74
C ALA B 280 10.62 17.06 8.18
N ALA B 281 11.56 17.51 9.04
CA ALA B 281 12.75 18.26 8.56
C ALA B 281 13.64 17.35 7.70
N ARG B 282 13.92 16.12 8.12
CA ARG B 282 14.72 15.15 7.33
C ARG B 282 14.05 14.91 5.98
N CYS B 283 12.76 14.74 6.00
CA CYS B 283 11.97 14.44 4.78
C CYS B 283 12.07 15.64 3.81
N MET B 284 11.82 16.85 4.27
CA MET B 284 11.95 18.02 3.36
C MET B 284 13.39 18.12 2.84
N LYS B 285 14.40 17.96 3.69
CA LYS B 285 15.83 18.05 3.28
C LYS B 285 16.10 16.97 2.23
N ASN B 286 15.58 15.76 2.42
CA ASN B 286 15.75 14.65 1.45
C ASN B 286 15.12 15.06 0.12
N ALA B 287 13.96 15.71 0.14
CA ALA B 287 13.21 16.09 -1.08
C ALA B 287 13.98 17.19 -1.85
N LEU B 288 14.52 18.16 -1.11
CA LEU B 288 15.30 19.24 -1.75
C LEU B 288 16.61 18.67 -2.31
N ARG B 289 17.32 17.83 -1.56
CA ARG B 289 18.53 17.14 -2.07
C ARG B 289 18.15 16.36 -3.33
N ASP B 290 17.02 15.65 -3.33
CA ASP B 290 16.57 14.87 -4.51
C ASP B 290 16.39 15.81 -5.71
N ALA B 291 15.94 17.05 -5.49
CA ALA B 291 15.66 18.05 -6.53
C ALA B 291 16.94 18.83 -6.90
N GLY B 292 18.04 18.68 -6.16
CA GLY B 292 19.26 19.50 -6.33
C GLY B 292 18.97 20.97 -6.04
N LEU B 293 18.06 21.25 -5.11
CA LEU B 293 17.69 22.64 -4.74
C LEU B 293 18.15 22.95 -3.33
N ASP B 294 18.59 24.19 -3.15
N ASP B 294 18.64 24.17 -3.14
CA ASP B 294 18.94 24.78 -1.84
CA ASP B 294 18.95 24.73 -1.79
C ASP B 294 17.62 25.20 -1.16
C ASP B 294 17.62 25.16 -1.17
N PRO B 295 17.45 25.00 0.17
CA PRO B 295 16.23 25.46 0.84
C PRO B 295 15.78 26.89 0.45
N ARG B 296 16.73 27.76 0.15
CA ARG B 296 16.45 29.18 -0.18
C ARG B 296 15.64 29.31 -1.47
N GLN B 297 15.62 28.30 -2.33
CA GLN B 297 14.86 28.35 -3.61
C GLN B 297 13.37 28.08 -3.40
N VAL B 298 12.97 27.63 -2.21
CA VAL B 298 11.54 27.29 -1.98
C VAL B 298 10.73 28.57 -1.77
N ASP B 299 9.60 28.65 -2.47
CA ASP B 299 8.73 29.84 -2.40
C ASP B 299 7.44 29.55 -1.65
N TYR B 300 6.88 28.35 -1.80
CA TYR B 300 5.53 28.04 -1.30
C TYR B 300 5.52 26.62 -0.74
N ILE B 301 4.98 26.43 0.46
CA ILE B 301 4.78 25.10 1.07
C ILE B 301 3.29 24.90 1.31
N ASN B 302 2.75 23.85 0.72
CA ASN B 302 1.41 23.38 1.14
C ASN B 302 1.65 22.42 2.30
N ALA B 303 1.42 22.93 3.49
CA ALA B 303 1.66 22.24 4.77
C ALA B 303 0.76 21.01 4.85
N HIS B 304 1.15 20.03 5.67
CA HIS B 304 0.21 19.01 6.15
C HIS B 304 -0.92 19.72 6.94
N GLY B 305 -0.55 20.54 7.94
CA GLY B 305 -1.44 21.52 8.58
C GLY B 305 -2.81 20.96 8.97
N THR B 306 -2.86 19.92 9.82
CA THR B 306 -4.10 19.15 10.10
C THR B 306 -5.02 19.83 11.11
N SER B 307 -4.54 20.84 11.86
CA SER B 307 -5.30 21.52 12.95
C SER B 307 -5.26 20.68 14.24
N THR B 308 -4.28 19.79 14.39
CA THR B 308 -3.98 19.12 15.67
C THR B 308 -3.00 20.00 16.44
N PRO B 309 -3.11 20.02 17.78
CA PRO B 309 -2.15 20.76 18.60
C PRO B 309 -0.69 20.44 18.24
N ALA B 310 -0.28 19.18 18.35
CA ALA B 310 1.15 18.79 18.22
C ALA B 310 1.61 18.83 16.74
N GLY B 311 0.78 18.36 15.80
CA GLY B 311 1.14 18.34 14.37
C GLY B 311 1.48 19.71 13.81
N ASP B 312 0.66 20.71 14.07
CA ASP B 312 0.81 22.08 13.48
C ASP B 312 2.12 22.69 13.99
N ILE B 313 2.40 22.57 15.29
CA ILE B 313 3.60 23.17 15.91
C ILE B 313 4.88 22.45 15.44
N ALA B 314 4.86 21.11 15.31
CA ALA B 314 5.96 20.31 14.75
C ALA B 314 6.37 20.82 13.36
N GLU B 315 5.40 21.12 12.50
N GLU B 315 5.38 21.15 12.53
CA GLU B 315 5.68 21.60 11.12
CA GLU B 315 5.60 21.59 11.13
C GLU B 315 6.35 22.96 11.16
C GLU B 315 6.27 22.97 11.11
N ILE B 316 5.90 23.86 12.03
CA ILE B 316 6.57 25.20 12.18
C ILE B 316 8.03 24.95 12.56
N ALA B 317 8.31 24.14 13.58
CA ALA B 317 9.70 23.80 13.99
C ALA B 317 10.48 23.18 12.83
N ALA B 318 9.86 22.26 12.08
CA ALA B 318 10.53 21.59 10.95
C ALA B 318 10.93 22.65 9.91
N VAL B 319 10.01 23.53 9.55
CA VAL B 319 10.27 24.56 8.52
C VAL B 319 11.37 25.52 9.00
N LYS B 320 11.33 25.95 10.26
CA LYS B 320 12.38 26.87 10.79
C LYS B 320 13.74 26.17 10.73
N SER B 321 13.78 24.87 11.04
CA SER B 321 15.02 24.08 11.07
C SER B 321 15.61 23.99 9.66
N VAL B 322 14.77 23.63 8.68
CA VAL B 322 15.23 23.39 7.30
C VAL B 322 15.63 24.71 6.62
N PHE B 323 14.86 25.77 6.81
CA PHE B 323 14.94 26.98 5.95
C PHE B 323 15.70 28.11 6.65
N GLY B 324 16.02 28.01 7.94
CA GLY B 324 16.83 29.02 8.64
C GLY B 324 16.34 30.44 8.30
N GLU B 325 17.22 31.29 7.75
CA GLU B 325 16.94 32.73 7.51
C GLU B 325 15.93 32.91 6.36
N HIS B 326 15.58 31.86 5.63
CA HIS B 326 14.57 31.93 4.54
C HIS B 326 13.17 31.50 5.03
N ALA B 327 13.05 31.01 6.26
CA ALA B 327 11.78 30.42 6.77
C ALA B 327 10.62 31.42 6.71
N HIS B 328 10.88 32.74 6.85
CA HIS B 328 9.82 33.77 6.88
C HIS B 328 9.51 34.24 5.45
N ALA B 329 10.41 34.01 4.50
CA ALA B 329 10.33 34.55 3.13
C ALA B 329 9.38 33.68 2.30
N LEU B 330 9.48 32.36 2.44
CA LEU B 330 8.46 31.47 1.79
C LEU B 330 7.10 31.77 2.43
N SER B 331 6.05 31.42 1.72
CA SER B 331 4.68 31.34 2.25
C SER B 331 4.31 29.86 2.48
N MET B 332 3.66 29.57 3.59
CA MET B 332 3.20 28.21 3.96
C MET B 332 1.73 28.31 4.34
N SER B 333 0.90 27.52 3.69
CA SER B 333 -0.55 27.50 4.02
C SER B 333 -1.06 26.06 4.08
N SER B 334 -2.06 25.89 4.92
CA SER B 334 -2.85 24.62 5.04
C SER B 334 -4.19 24.84 4.36
N THR B 335 -4.34 24.21 3.20
CA THR B 335 -5.64 24.19 2.53
C THR B 335 -6.63 23.30 3.33
N LYS B 336 -6.17 22.52 4.28
CA LYS B 336 -7.06 21.73 5.17
C LYS B 336 -7.95 22.67 6.00
N SER B 337 -7.54 23.94 6.15
CA SER B 337 -8.36 24.99 6.77
C SER B 337 -9.74 25.06 6.07
N MET B 338 -9.77 24.73 4.78
CA MET B 338 -11.00 24.80 3.93
C MET B 338 -11.56 23.39 3.60
N THR B 339 -10.69 22.44 3.25
CA THR B 339 -11.10 21.11 2.71
C THR B 339 -11.35 20.10 3.85
N GLY B 340 -10.79 20.37 5.02
CA GLY B 340 -10.54 19.35 6.03
C GLY B 340 -9.52 18.34 5.54
N HIS B 341 -9.44 17.23 6.25
CA HIS B 341 -8.35 16.25 6.16
C HIS B 341 -8.89 15.06 5.35
N LEU B 342 -8.49 14.95 4.08
CA LEU B 342 -8.94 13.79 3.23
C LEU B 342 -8.10 12.53 3.48
N LEU B 343 -7.30 12.48 4.56
CA LEU B 343 -6.48 11.31 4.95
C LEU B 343 -5.65 10.84 3.74
N GLY B 344 -5.91 9.65 3.19
CA GLY B 344 -5.07 9.13 2.11
C GLY B 344 -5.13 9.96 0.84
N ALA B 345 -6.17 10.77 0.64
CA ALA B 345 -6.31 11.61 -0.56
C ALA B 345 -5.77 13.01 -0.25
N ALA B 346 -5.43 13.34 1.01
CA ALA B 346 -4.98 14.70 1.34
C ALA B 346 -3.79 15.09 0.45
N GLY B 347 -2.77 14.23 0.40
CA GLY B 347 -1.56 14.52 -0.36
C GLY B 347 -1.81 14.63 -1.84
N ALA B 348 -2.84 13.94 -2.35
CA ALA B 348 -3.17 13.98 -3.78
C ALA B 348 -3.82 15.33 -4.12
N VAL B 349 -4.87 15.73 -3.39
CA VAL B 349 -5.53 17.03 -3.68
C VAL B 349 -4.55 18.17 -3.35
N GLU B 350 -3.63 18.01 -2.40
CA GLU B 350 -2.70 19.14 -2.03
C GLU B 350 -1.56 19.24 -3.04
N ALA B 351 -1.11 18.14 -3.66
CA ALA B 351 -0.19 18.17 -4.83
C ALA B 351 -0.85 18.96 -5.95
N ILE B 352 -2.14 18.76 -6.18
CA ILE B 352 -2.82 19.51 -7.27
C ILE B 352 -2.86 21.00 -6.92
N PHE B 353 -3.18 21.33 -5.67
CA PHE B 353 -3.24 22.73 -5.21
C PHE B 353 -1.84 23.35 -5.30
N SER B 354 -0.78 22.58 -5.09
CA SER B 354 0.61 23.08 -5.18
C SER B 354 0.96 23.39 -6.63
N VAL B 355 0.60 22.47 -7.52
CA VAL B 355 0.75 22.69 -8.98
C VAL B 355 -0.02 23.95 -9.37
N LEU B 356 -1.27 24.09 -8.94
CA LEU B 356 -2.08 25.26 -9.37
C LEU B 356 -1.51 26.54 -8.76
N ALA B 357 -0.90 26.49 -7.58
CA ALA B 357 -0.26 27.70 -6.98
C ALA B 357 0.87 28.17 -7.92
N LEU B 358 1.57 27.24 -8.54
CA LEU B 358 2.62 27.53 -9.53
C LEU B 358 2.00 28.12 -10.80
N ARG B 359 0.94 27.51 -11.33
CA ARG B 359 0.30 27.99 -12.57
C ARG B 359 -0.18 29.42 -12.34
N ASP B 360 -0.81 29.73 -11.18
CA ASP B 360 -1.56 31.00 -11.01
C ASP B 360 -0.78 32.01 -10.15
N GLN B 361 0.42 31.65 -9.69
CA GLN B 361 1.31 32.54 -8.88
C GLN B 361 0.51 33.08 -7.71
N VAL B 362 -0.01 32.17 -6.90
CA VAL B 362 -0.86 32.57 -5.73
C VAL B 362 -0.72 31.50 -4.66
N ALA B 363 -0.46 31.96 -3.44
CA ALA B 363 -0.49 31.14 -2.22
C ALA B 363 -1.92 31.11 -1.71
N PRO B 364 -2.55 29.90 -1.64
CA PRO B 364 -3.86 29.76 -1.02
C PRO B 364 -3.84 30.11 0.46
N PRO B 365 -4.98 30.56 1.02
CA PRO B 365 -5.04 30.99 2.41
C PRO B 365 -5.03 29.84 3.40
N THR B 366 -4.58 30.11 4.62
CA THR B 366 -4.98 29.32 5.79
C THR B 366 -6.16 30.07 6.39
N ILE B 367 -7.40 29.66 6.14
CA ILE B 367 -8.55 30.37 6.77
C ILE B 367 -8.61 30.00 8.27
N ASN B 368 -9.36 30.80 9.05
CA ASN B 368 -9.61 30.57 10.50
C ASN B 368 -8.35 30.86 11.35
N LEU B 369 -7.27 31.41 10.79
CA LEU B 369 -6.00 31.66 11.53
C LEU B 369 -6.15 33.04 12.18
N ASP B 370 -7.04 33.10 13.17
CA ASP B 370 -7.50 34.33 13.86
C ASP B 370 -6.46 34.74 14.90
N ASN B 371 -5.92 33.76 15.64
CA ASN B 371 -4.96 33.99 16.73
C ASN B 371 -3.83 32.98 16.61
N PRO B 372 -2.83 33.26 15.75
CA PRO B 372 -1.65 32.41 15.64
C PRO B 372 -1.14 32.01 17.04
N ASP B 373 -0.80 30.73 17.20
CA ASP B 373 -0.34 30.18 18.50
C ASP B 373 1.11 30.60 18.74
N GLU B 374 1.60 30.32 19.96
CA GLU B 374 3.00 30.60 20.37
C GLU B 374 3.96 30.09 19.29
N GLY B 375 4.78 30.97 18.74
CA GLY B 375 5.85 30.59 17.80
C GLY B 375 5.34 30.34 16.37
N CYS B 376 4.03 30.47 16.13
CA CYS B 376 3.44 30.32 14.77
C CYS B 376 3.54 31.66 14.04
N ASP B 377 4.75 32.16 13.82
CA ASP B 377 4.97 33.56 13.38
C ASP B 377 5.50 33.58 11.94
N LEU B 378 5.40 32.45 11.21
CA LEU B 378 5.80 32.39 9.78
C LEU B 378 4.75 33.13 8.94
N ASP B 379 4.99 33.25 7.65
CA ASP B 379 3.95 33.75 6.72
C ASP B 379 3.01 32.57 6.41
N LEU B 380 1.91 32.45 7.16
CA LEU B 380 0.99 31.30 7.06
C LEU B 380 -0.20 31.69 6.20
N VAL B 381 -0.06 32.81 5.46
CA VAL B 381 -1.10 33.27 4.51
C VAL B 381 -2.47 33.30 5.19
N ALA B 382 -2.55 33.88 6.39
CA ALA B 382 -3.83 33.94 7.14
C ALA B 382 -4.95 34.60 6.31
N HIS B 383 -6.11 33.95 6.30
CA HIS B 383 -7.46 34.46 5.92
C HIS B 383 -7.63 34.59 4.40
N GLU B 384 -6.66 35.10 3.66
CA GLU B 384 -6.85 35.46 2.23
C GLU B 384 -5.67 35.01 1.37
N ALA B 385 -5.97 34.60 0.13
CA ALA B 385 -4.98 34.19 -0.88
C ALA B 385 -4.00 35.34 -1.11
N LYS B 386 -2.74 35.03 -1.34
CA LYS B 386 -1.65 36.02 -1.53
C LYS B 386 -0.99 35.74 -2.88
N PRO B 387 -1.29 36.54 -3.92
CA PRO B 387 -0.49 36.52 -5.14
C PRO B 387 0.97 36.81 -4.82
N ARG B 388 1.88 36.06 -5.42
CA ARG B 388 3.32 36.17 -5.13
C ARG B 388 4.08 35.38 -6.19
N LYS B 389 5.38 35.57 -6.22
CA LYS B 389 6.29 34.78 -7.05
C LYS B 389 6.41 33.37 -6.46
N ILE B 390 6.11 32.37 -7.25
CA ILE B 390 6.30 30.95 -6.85
C ILE B 390 6.98 30.24 -7.99
N ASP B 391 8.25 29.92 -7.82
CA ASP B 391 8.96 29.08 -8.78
C ASP B 391 9.00 27.62 -8.29
N VAL B 392 9.11 27.43 -6.98
CA VAL B 392 9.29 26.10 -6.34
C VAL B 392 8.27 26.00 -5.22
N ALA B 393 7.43 24.93 -5.23
CA ALA B 393 6.36 24.65 -4.26
C ALA B 393 6.59 23.26 -3.65
N LEU B 394 6.50 23.14 -2.33
CA LEU B 394 6.60 21.82 -1.64
C LEU B 394 5.20 21.44 -1.20
N SER B 395 4.94 20.15 -1.13
CA SER B 395 3.72 19.63 -0.48
C SER B 395 4.12 18.55 0.49
N ASN B 396 3.75 18.71 1.75
CA ASN B 396 4.15 17.82 2.85
C ASN B 396 2.95 16.99 3.33
N SER B 397 3.22 15.73 3.66
CA SER B 397 2.28 14.84 4.36
C SER B 397 3.02 14.09 5.46
N PHE B 398 2.44 14.08 6.67
CA PHE B 398 3.06 13.51 7.90
C PHE B 398 1.96 12.69 8.58
N GLY B 399 2.00 11.35 8.54
CA GLY B 399 0.88 10.45 8.95
C GLY B 399 1.23 9.49 10.08
N PHE B 400 0.23 8.72 10.51
CA PHE B 400 0.35 7.68 11.55
C PHE B 400 1.49 6.74 11.22
N GLY B 401 2.19 6.30 12.27
CA GLY B 401 3.44 5.51 12.18
C GLY B 401 4.65 6.39 11.95
N GLY B 402 4.48 7.71 11.97
CA GLY B 402 5.62 8.62 11.75
C GLY B 402 6.08 8.59 10.30
N THR B 403 5.17 8.31 9.37
CA THR B 403 5.57 8.19 7.94
C THR B 403 5.41 9.57 7.27
N ASN B 404 6.49 10.06 6.66
CA ASN B 404 6.55 11.41 6.07
C ASN B 404 6.80 11.32 4.56
N GLY B 405 6.21 12.28 3.87
CA GLY B 405 6.44 12.48 2.44
C GLY B 405 6.48 13.95 2.11
N THR B 406 7.33 14.29 1.16
CA THR B 406 7.41 15.65 0.60
C THR B 406 7.59 15.54 -0.92
N LEU B 407 6.81 16.30 -1.66
CA LEU B 407 6.96 16.46 -3.10
C LEU B 407 7.45 17.90 -3.36
N VAL B 408 8.38 18.03 -4.31
CA VAL B 408 8.89 19.35 -4.81
C VAL B 408 8.46 19.48 -6.26
N PHE B 409 7.71 20.54 -6.53
CA PHE B 409 7.24 20.91 -7.88
C PHE B 409 7.91 22.23 -8.24
N ARG B 410 8.19 22.39 -9.53
CA ARG B 410 8.81 23.61 -10.10
C ARG B 410 8.03 24.06 -11.33
N ARG B 411 7.94 25.38 -11.55
CA ARG B 411 7.43 25.95 -12.81
C ARG B 411 8.19 25.32 -13.97
N PHE B 412 7.48 24.97 -15.05
CA PHE B 412 8.08 24.37 -16.26
C PHE B 412 8.12 25.41 -17.38
N ALA B 413 9.29 25.62 -18.01
CA ALA B 413 9.45 26.51 -19.18
C ALA B 413 10.56 25.97 -20.10
#